data_7MET
#
_entry.id   7MET
#
_cell.length_a   1.00
_cell.length_b   1.00
_cell.length_c   1.00
_cell.angle_alpha   90.00
_cell.angle_beta   90.00
_cell.angle_gamma   90.00
#
_symmetry.space_group_name_H-M   'P 1'
#
loop_
_entity.id
_entity.type
_entity.pdbx_description
1 polymer 'ATP-dependent lipid A-core flippase'
2 non-polymer '2-(4-chlorobenzamido)-4,5,6,7-tetrahydro-1-benzothiophene-3-carboxylic acid'
#
_entity_poly.entity_id   1
_entity_poly.type   'polypeptide(L)'
_entity_poly.pdbx_seq_one_letter_code
;MGSSHHHHHHSSGLVPRGSHMMHHHHHHHHGGVNQDFKVYLRLISYLKPYWGVALLVLIGFGMNSATEVSVAKLIKFIID
AIQNASRADLDWFPLLIILLVFFRGLGLFMGGYYTAVISRSLVFSIRQEVYAKLLRLPAQYYLDNSSGHITAKIMYNVEQ
LTAASSESLKTIVRDGMITLGLLGYLFYTNWRLTICIMVFLPIIGILVRKASKRMRKLSMQVQDTMGDVNHVVQESINGN
AVVKSFAGEESEQERFYKSSEENLKRGLKMVIVQNLNSPVVQVVMACAMALIVWLALRPQILGNTTAGEFVAYITAAGLL
SKPVKNLTDVNEKLQRGLAAAHSVFELLDLPEEQNSGELKPQLQGAIRFDHVVLNYADGTQAIKDFSLDIRPGETVALVG
RSGAGKTSLVNMLVRFQEVSSGQIYLDDLPIRDIELSSLRTQIAMVNQQVVLFNRTVRENIAYGQLHNASDEDVIAAAKA
AYAHDFIMNLPNGYDTVLGAQGLNLSGGQRQRIAIARAILKNAPILILDEATSALDNESEHFIQQAFDEAMQDRTTIVIA
HRLSTIENADRIVVMDRGQIVEQGTHQELLAKHGAYYQLHQRNFEDH
;
_entity_poly.pdbx_strand_id   A,B
#
# COMPACT_ATOMS: atom_id res chain seq x y z
N VAL A 39 6.75 -20.60 -9.49
CA VAL A 39 5.82 -20.13 -8.48
C VAL A 39 4.71 -21.15 -8.28
N TYR A 40 4.26 -21.74 -9.38
CA TYR A 40 3.22 -22.77 -9.30
C TYR A 40 3.72 -23.96 -8.50
N LEU A 41 4.98 -24.36 -8.70
CA LEU A 41 5.51 -25.54 -8.01
C LEU A 41 5.52 -25.34 -6.50
N ARG A 42 5.89 -24.15 -6.04
CA ARG A 42 5.88 -23.89 -4.60
C ARG A 42 4.46 -23.65 -4.08
N LEU A 43 3.61 -23.01 -4.88
CA LEU A 43 2.25 -22.75 -4.45
C LEU A 43 1.47 -24.04 -4.27
N ILE A 44 1.75 -25.06 -5.09
CA ILE A 44 1.07 -26.33 -4.97
C ILE A 44 1.34 -26.97 -3.61
N SER A 45 2.58 -26.89 -3.14
CA SER A 45 2.94 -27.50 -1.87
C SER A 45 2.30 -26.80 -0.67
N TYR A 46 1.46 -25.79 -0.89
CA TYR A 46 0.81 -25.08 0.21
C TYR A 46 -0.62 -25.52 0.46
N LEU A 47 -1.29 -26.08 -0.54
CA LEU A 47 -2.57 -26.75 -0.32
C LEU A 47 -2.44 -28.27 -0.33
N LYS A 48 -1.27 -28.79 -0.72
CA LYS A 48 -1.05 -30.24 -0.68
C LYS A 48 -1.19 -30.82 0.73
N PRO A 49 -0.62 -30.22 1.78
CA PRO A 49 -0.82 -30.80 3.13
C PRO A 49 -2.28 -30.84 3.56
N TYR A 50 -3.12 -29.99 2.99
CA TYR A 50 -4.55 -29.99 3.30
C TYR A 50 -5.27 -31.04 2.45
N TRP A 51 -4.83 -32.29 2.59
CA TRP A 51 -5.36 -33.38 1.79
C TRP A 51 -6.85 -33.59 2.05
N GLY A 52 -7.26 -33.49 3.32
CA GLY A 52 -8.65 -33.76 3.66
C GLY A 52 -9.62 -32.78 3.01
N VAL A 53 -9.29 -31.49 3.04
CA VAL A 53 -10.19 -30.48 2.48
C VAL A 53 -10.13 -30.44 0.96
N ALA A 54 -9.12 -31.06 0.35
CA ALA A 54 -9.00 -31.05 -1.10
C ALA A 54 -10.09 -31.89 -1.76
N LEU A 55 -10.31 -33.11 -1.25
CA LEU A 55 -11.25 -34.03 -1.90
C LEU A 55 -12.69 -33.56 -1.82
N LEU A 56 -13.01 -32.67 -0.88
CA LEU A 56 -14.39 -32.25 -0.66
C LEU A 56 -14.78 -31.00 -1.43
N VAL A 57 -13.89 -30.42 -2.22
CA VAL A 57 -14.24 -29.24 -3.03
C VAL A 57 -14.44 -29.68 -4.48
N LEU A 58 -13.71 -30.71 -4.89
CA LEU A 58 -13.79 -31.15 -6.28
C LEU A 58 -15.13 -31.80 -6.59
N ILE A 59 -15.75 -32.44 -5.60
CA ILE A 59 -16.99 -33.17 -5.85
C ILE A 59 -18.13 -32.23 -6.23
N GLY A 60 -18.18 -31.04 -5.64
CA GLY A 60 -19.24 -30.10 -5.97
C GLY A 60 -19.19 -29.65 -7.41
N PHE A 61 -18.01 -29.22 -7.86
CA PHE A 61 -17.87 -28.84 -9.26
C PHE A 61 -18.03 -30.04 -10.18
N GLY A 62 -17.64 -31.23 -9.73
CA GLY A 62 -17.83 -32.41 -10.54
C GLY A 62 -19.29 -32.74 -10.78
N MET A 63 -20.11 -32.66 -9.73
CA MET A 63 -21.54 -32.90 -9.89
C MET A 63 -22.21 -31.76 -10.65
N ASN A 64 -21.71 -30.53 -10.50
CA ASN A 64 -22.18 -29.44 -11.34
C ASN A 64 -21.92 -29.74 -12.81
N SER A 65 -20.72 -30.21 -13.12
CA SER A 65 -20.40 -30.59 -14.50
C SER A 65 -21.26 -31.74 -14.96
N ALA A 66 -21.55 -32.70 -14.08
CA ALA A 66 -22.42 -33.81 -14.43
C ALA A 66 -23.80 -33.32 -14.82
N THR A 67 -24.37 -32.39 -14.04
CA THR A 67 -25.67 -31.83 -14.39
C THR A 67 -25.60 -31.05 -15.70
N GLU A 68 -24.53 -30.29 -15.90
CA GLU A 68 -24.41 -29.48 -17.10
C GLU A 68 -24.37 -30.38 -18.33
N VAL A 69 -23.62 -31.48 -18.24
CA VAL A 69 -23.59 -32.47 -19.30
C VAL A 69 -24.97 -33.08 -19.49
N SER A 70 -25.63 -33.43 -18.39
CA SER A 70 -26.96 -34.04 -18.47
C SER A 70 -27.99 -33.12 -19.09
N VAL A 71 -27.71 -31.82 -19.17
CA VAL A 71 -28.60 -30.92 -19.88
C VAL A 71 -28.77 -31.37 -21.33
N ALA A 72 -27.68 -31.80 -21.96
CA ALA A 72 -27.76 -32.29 -23.34
C ALA A 72 -28.60 -33.55 -23.44
N LYS A 73 -28.43 -34.48 -22.50
CA LYS A 73 -29.27 -35.67 -22.49
C LYS A 73 -30.74 -35.29 -22.28
N LEU A 74 -30.98 -34.26 -21.48
CA LEU A 74 -32.34 -33.78 -21.24
C LEU A 74 -32.96 -33.24 -22.52
N ILE A 75 -32.20 -32.45 -23.28
CA ILE A 75 -32.77 -31.89 -24.52
C ILE A 75 -32.95 -33.00 -25.55
N LYS A 76 -32.07 -34.01 -25.55
CA LYS A 76 -32.29 -35.18 -26.39
C LYS A 76 -33.57 -35.91 -26.00
N PHE A 77 -33.84 -36.01 -24.70
CA PHE A 77 -35.10 -36.58 -24.25
C PHE A 77 -36.28 -35.76 -24.75
N ILE A 78 -36.19 -34.43 -24.64
CA ILE A 78 -37.31 -33.57 -25.01
C ILE A 78 -37.61 -33.69 -26.50
N ILE A 79 -36.59 -33.73 -27.34
CA ILE A 79 -36.85 -33.74 -28.77
C ILE A 79 -37.58 -35.01 -29.19
N ASP A 80 -37.17 -36.17 -28.67
CA ASP A 80 -37.86 -37.39 -29.07
C ASP A 80 -39.18 -37.54 -28.34
N ALA A 81 -39.35 -36.88 -27.19
CA ALA A 81 -40.65 -36.89 -26.53
C ALA A 81 -41.66 -36.10 -27.33
N ILE A 82 -41.26 -34.94 -27.84
CA ILE A 82 -42.17 -34.12 -28.64
C ILE A 82 -42.41 -34.75 -30.01
N GLN A 83 -41.37 -35.31 -30.62
CA GLN A 83 -41.54 -35.89 -31.96
C GLN A 83 -42.53 -37.06 -31.94
N ASN A 84 -42.39 -37.96 -30.99
CA ASN A 84 -43.34 -39.06 -30.87
C ASN A 84 -44.51 -38.67 -29.97
N ALA A 85 -45.45 -39.60 -29.82
CA ALA A 85 -46.70 -39.35 -29.10
C ALA A 85 -46.60 -39.66 -27.60
N SER A 86 -45.41 -39.58 -27.03
CA SER A 86 -45.25 -39.86 -25.60
C SER A 86 -46.01 -38.83 -24.78
N ARG A 87 -46.76 -39.30 -23.77
CA ARG A 87 -47.55 -38.44 -22.92
C ARG A 87 -47.03 -38.38 -21.48
N ALA A 88 -46.24 -39.35 -21.04
CA ALA A 88 -45.68 -39.31 -19.70
C ALA A 88 -44.65 -38.20 -19.54
N ASP A 89 -44.14 -37.66 -20.65
CA ASP A 89 -43.19 -36.56 -20.58
C ASP A 89 -43.77 -35.38 -19.80
N LEU A 90 -45.08 -35.16 -19.89
CA LEU A 90 -45.72 -34.08 -19.15
C LEU A 90 -45.48 -34.20 -17.65
N ASP A 91 -45.31 -35.42 -17.15
CA ASP A 91 -44.99 -35.65 -15.75
C ASP A 91 -43.49 -35.77 -15.50
N TRP A 92 -42.74 -36.38 -16.43
CA TRP A 92 -41.30 -36.51 -16.22
C TRP A 92 -40.59 -35.16 -16.22
N PHE A 93 -40.99 -34.25 -17.11
CA PHE A 93 -40.23 -33.02 -17.31
C PHE A 93 -40.12 -32.15 -16.07
N PRO A 94 -41.20 -31.79 -15.37
CA PRO A 94 -41.04 -30.92 -14.19
C PRO A 94 -40.17 -31.54 -13.12
N LEU A 95 -40.31 -32.84 -12.86
CA LEU A 95 -39.49 -33.49 -11.84
C LEU A 95 -38.02 -33.46 -12.23
N LEU A 96 -37.72 -33.74 -13.51
CA LEU A 96 -36.33 -33.72 -13.96
C LEU A 96 -35.74 -32.33 -13.85
N ILE A 97 -36.50 -31.30 -14.24
CA ILE A 97 -36.01 -29.93 -14.15
C ILE A 97 -35.74 -29.56 -12.69
N ILE A 98 -36.67 -29.89 -11.80
CA ILE A 98 -36.50 -29.55 -10.39
C ILE A 98 -35.29 -30.25 -9.80
N LEU A 99 -35.11 -31.54 -10.12
CA LEU A 99 -33.97 -32.27 -9.59
C LEU A 99 -32.66 -31.71 -10.13
N LEU A 100 -32.63 -31.35 -11.42
CA LEU A 100 -31.42 -30.78 -12.01
C LEU A 100 -31.07 -29.45 -11.36
N VAL A 101 -32.07 -28.60 -11.14
CA VAL A 101 -31.82 -27.31 -10.49
C VAL A 101 -31.32 -27.53 -9.06
N PHE A 102 -31.93 -28.46 -8.34
CA PHE A 102 -31.51 -28.74 -6.97
C PHE A 102 -30.07 -29.21 -6.92
N PHE A 103 -29.70 -30.15 -7.79
CA PHE A 103 -28.31 -30.61 -7.83
C PHE A 103 -27.35 -29.51 -8.20
N ARG A 104 -27.69 -28.69 -9.20
CA ARG A 104 -26.79 -27.61 -9.58
C ARG A 104 -26.59 -26.64 -8.42
N GLY A 105 -27.68 -26.26 -7.75
CA GLY A 105 -27.57 -25.32 -6.64
C GLY A 105 -26.76 -25.88 -5.50
N LEU A 106 -27.04 -27.13 -5.11
CA LEU A 106 -26.31 -27.74 -3.99
C LEU A 106 -24.82 -27.86 -4.32
N GLY A 107 -24.51 -28.34 -5.53
CA GLY A 107 -23.12 -28.49 -5.91
C GLY A 107 -22.39 -27.16 -5.95
N LEU A 108 -23.01 -26.15 -6.55
CA LEU A 108 -22.36 -24.85 -6.64
C LEU A 108 -22.15 -24.24 -5.26
N PHE A 109 -23.15 -24.33 -4.38
CA PHE A 109 -23.02 -23.76 -3.05
C PHE A 109 -21.90 -24.46 -2.28
N MET A 110 -21.92 -25.79 -2.28
CA MET A 110 -20.91 -26.55 -1.54
C MET A 110 -19.51 -26.28 -2.09
N GLY A 111 -19.36 -26.31 -3.41
CA GLY A 111 -18.06 -26.06 -4.01
C GLY A 111 -17.55 -24.66 -3.74
N GLY A 112 -18.42 -23.66 -3.87
CA GLY A 112 -18.00 -22.30 -3.62
C GLY A 112 -17.56 -22.10 -2.18
N TYR A 113 -18.35 -22.60 -1.23
CA TYR A 113 -18.00 -22.45 0.17
C TYR A 113 -16.67 -23.15 0.47
N TYR A 114 -16.48 -24.35 -0.07
CA TYR A 114 -15.28 -25.11 0.28
C TYR A 114 -14.04 -24.54 -0.40
N THR A 115 -14.16 -24.09 -1.65
CA THR A 115 -13.01 -23.43 -2.26
C THR A 115 -12.71 -22.11 -1.58
N ALA A 116 -13.73 -21.43 -1.05
CA ALA A 116 -13.50 -20.22 -0.28
C ALA A 116 -12.69 -20.51 0.97
N VAL A 117 -13.08 -21.56 1.71
CA VAL A 117 -12.33 -21.87 2.93
C VAL A 117 -10.92 -22.34 2.60
N ILE A 118 -10.75 -23.07 1.50
CA ILE A 118 -9.40 -23.50 1.10
C ILE A 118 -8.54 -22.29 0.75
N SER A 119 -9.08 -21.35 -0.02
CA SER A 119 -8.32 -20.17 -0.36
C SER A 119 -7.98 -19.35 0.88
N ARG A 120 -8.93 -19.22 1.80
CA ARG A 120 -8.66 -18.49 3.02
C ARG A 120 -7.57 -19.15 3.85
N SER A 121 -7.60 -20.49 3.94
CA SER A 121 -6.57 -21.19 4.69
C SER A 121 -5.20 -21.04 4.03
N LEU A 122 -5.15 -21.12 2.70
CA LEU A 122 -3.88 -20.95 2.00
C LEU A 122 -3.32 -19.56 2.22
N VAL A 123 -4.19 -18.54 2.16
CA VAL A 123 -3.72 -17.17 2.38
C VAL A 123 -3.29 -16.97 3.83
N PHE A 124 -3.98 -17.60 4.77
CA PHE A 124 -3.55 -17.54 6.17
C PHE A 124 -2.18 -18.19 6.33
N SER A 125 -1.94 -19.29 5.63
CA SER A 125 -0.62 -19.92 5.68
C SER A 125 0.46 -19.01 5.11
N ILE A 126 0.16 -18.35 3.98
CA ILE A 126 1.12 -17.40 3.40
C ILE A 126 1.41 -16.27 4.38
N ARG A 127 0.35 -15.73 4.99
CA ARG A 127 0.51 -14.64 5.95
C ARG A 127 1.33 -15.08 7.15
N GLN A 128 1.08 -16.29 7.65
CA GLN A 128 1.87 -16.82 8.76
C GLN A 128 3.33 -16.96 8.38
N GLU A 129 3.60 -17.48 7.19
CA GLU A 129 4.99 -17.68 6.75
C GLU A 129 5.71 -16.34 6.62
N VAL A 130 5.05 -15.35 6.00
CA VAL A 130 5.71 -14.05 5.82
C VAL A 130 5.87 -13.34 7.15
N TYR A 131 4.89 -13.49 8.05
CA TYR A 131 4.98 -12.88 9.37
C TYR A 131 6.14 -13.46 10.16
N ALA A 132 6.32 -14.78 10.09
CA ALA A 132 7.44 -15.42 10.76
C ALA A 132 8.77 -15.00 10.13
N LYS A 133 8.81 -14.91 8.80
CA LYS A 133 10.06 -14.64 8.10
C LYS A 133 10.28 -13.16 7.84
N LEU A 134 9.33 -12.29 8.18
CA LEU A 134 9.56 -10.85 8.04
C LEU A 134 10.71 -10.39 8.93
N LEU A 135 10.75 -10.90 10.15
CA LEU A 135 11.82 -10.58 11.08
C LEU A 135 13.12 -11.28 10.69
N ARG A 136 14.24 -10.64 11.04
CA ARG A 136 15.59 -11.19 10.85
C ARG A 136 15.86 -11.49 9.37
N LEU A 137 15.91 -10.42 8.58
CA LEU A 137 16.39 -10.45 7.20
C LEU A 137 17.46 -9.36 7.09
N PRO A 138 18.69 -9.64 7.61
CA PRO A 138 19.78 -8.65 7.64
C PRO A 138 19.47 -7.36 8.38
N ALA A 139 20.52 -6.72 8.91
CA ALA A 139 20.33 -5.47 9.64
C ALA A 139 20.12 -4.29 8.69
N GLN A 140 20.84 -4.28 7.56
CA GLN A 140 20.75 -3.15 6.64
C GLN A 140 19.35 -3.04 6.04
N TYR A 141 18.74 -4.17 5.69
CA TYR A 141 17.42 -4.14 5.06
C TYR A 141 16.39 -3.51 5.99
N TYR A 142 16.42 -3.86 7.27
CA TYR A 142 15.48 -3.27 8.22
C TYR A 142 15.84 -1.82 8.53
N LEU A 143 17.13 -1.51 8.63
CA LEU A 143 17.54 -0.19 9.08
C LEU A 143 17.30 0.87 8.01
N ASP A 144 17.66 0.58 6.76
CA ASP A 144 17.58 1.60 5.70
C ASP A 144 16.14 1.99 5.40
N ASN A 145 15.28 1.00 5.17
CA ASN A 145 13.89 1.27 4.81
C ASN A 145 12.99 1.51 6.01
N SER A 146 13.45 1.18 7.23
CA SER A 146 12.70 1.37 8.46
C SER A 146 11.39 0.59 8.47
N SER A 147 11.21 -0.30 7.49
CA SER A 147 10.05 -1.19 7.40
C SER A 147 8.74 -0.42 7.22
N GLY A 148 8.83 0.90 7.06
CA GLY A 148 7.63 1.69 6.87
C GLY A 148 6.94 1.41 5.54
N HIS A 149 7.72 1.25 4.48
CA HIS A 149 7.17 0.97 3.16
C HIS A 149 7.31 -0.49 2.75
N ILE A 150 8.33 -1.19 3.27
CA ILE A 150 8.55 -2.59 2.89
C ILE A 150 7.39 -3.44 3.34
N THR A 151 6.92 -3.24 4.58
CA THR A 151 5.80 -4.03 5.09
C THR A 151 4.53 -3.76 4.28
N ALA A 152 4.28 -2.49 3.95
CA ALA A 152 3.10 -2.15 3.16
C ALA A 152 3.16 -2.78 1.77
N LYS A 153 4.32 -2.73 1.13
CA LYS A 153 4.47 -3.35 -0.19
C LYS A 153 4.26 -4.85 -0.11
N ILE A 154 4.82 -5.49 0.92
CA ILE A 154 4.67 -6.93 1.08
C ILE A 154 3.20 -7.28 1.28
N MET A 155 2.50 -6.54 2.14
CA MET A 155 1.09 -6.83 2.38
C MET A 155 0.26 -6.61 1.13
N TYR A 156 0.56 -5.56 0.35
CA TYR A 156 -0.16 -5.33 -0.89
C TYR A 156 0.04 -6.49 -1.85
N ASN A 157 1.29 -6.96 -1.98
CA ASN A 157 1.55 -8.09 -2.87
C ASN A 157 0.84 -9.34 -2.39
N VAL A 158 0.82 -9.58 -1.08
CA VAL A 158 0.15 -10.75 -0.53
C VAL A 158 -1.35 -10.68 -0.81
N GLU A 159 -1.96 -9.51 -0.66
CA GLU A 159 -3.38 -9.39 -0.92
C GLU A 159 -3.70 -9.56 -2.41
N GLN A 160 -2.84 -9.02 -3.27
CA GLN A 160 -3.04 -9.22 -4.71
C GLN A 160 -2.95 -10.69 -5.07
N LEU A 161 -1.95 -11.40 -4.50
CA LEU A 161 -1.84 -12.83 -4.73
C LEU A 161 -3.05 -13.57 -4.16
N THR A 162 -3.55 -13.12 -3.02
CA THR A 162 -4.79 -13.66 -2.45
C THR A 162 -5.92 -13.63 -3.46
N ALA A 163 -6.26 -12.43 -3.93
CA ALA A 163 -7.39 -12.30 -4.84
C ALA A 163 -7.16 -13.07 -6.13
N ALA A 164 -5.96 -12.95 -6.70
CA ALA A 164 -5.66 -13.64 -7.95
C ALA A 164 -5.76 -15.15 -7.78
N SER A 165 -5.17 -15.69 -6.72
CA SER A 165 -5.21 -17.12 -6.49
C SER A 165 -6.64 -17.61 -6.28
N SER A 166 -7.44 -16.87 -5.50
CA SER A 166 -8.81 -17.31 -5.24
C SER A 166 -9.61 -17.35 -6.54
N GLU A 167 -9.63 -16.24 -7.28
CA GLU A 167 -10.41 -16.21 -8.52
C GLU A 167 -9.91 -17.23 -9.52
N SER A 168 -8.58 -17.31 -9.69
CA SER A 168 -8.01 -18.22 -10.68
C SER A 168 -8.30 -19.67 -10.31
N LEU A 169 -8.19 -20.02 -9.03
CA LEU A 169 -8.43 -21.40 -8.61
C LEU A 169 -9.89 -21.77 -8.82
N LYS A 170 -10.81 -20.89 -8.40
CA LYS A 170 -12.23 -21.16 -8.63
C LYS A 170 -12.50 -21.40 -10.10
N THR A 171 -12.06 -20.47 -10.95
CA THR A 171 -12.35 -20.57 -12.37
C THR A 171 -11.69 -21.80 -12.99
N ILE A 172 -10.42 -22.05 -12.67
CA ILE A 172 -9.71 -23.16 -13.30
C ILE A 172 -10.35 -24.48 -12.91
N VAL A 173 -10.66 -24.68 -11.62
CA VAL A 173 -11.23 -25.95 -11.19
C VAL A 173 -12.60 -26.16 -11.82
N ARG A 174 -13.48 -25.16 -11.70
CA ARG A 174 -14.85 -25.34 -12.21
C ARG A 174 -14.86 -25.53 -13.72
N ASP A 175 -14.19 -24.64 -14.45
CA ASP A 175 -14.24 -24.69 -15.90
C ASP A 175 -13.49 -25.90 -16.44
N GLY A 176 -12.39 -26.29 -15.80
CA GLY A 176 -11.71 -27.50 -16.24
C GLY A 176 -12.56 -28.74 -16.04
N MET A 177 -13.20 -28.85 -14.88
CA MET A 177 -14.04 -30.02 -14.65
C MET A 177 -15.20 -30.06 -15.65
N ILE A 178 -15.83 -28.90 -15.88
CA ILE A 178 -16.97 -28.89 -16.80
C ILE A 178 -16.53 -29.18 -18.23
N THR A 179 -15.38 -28.64 -18.65
CA THR A 179 -14.89 -28.89 -20.00
C THR A 179 -14.52 -30.35 -20.19
N LEU A 180 -13.80 -30.94 -19.23
CA LEU A 180 -13.42 -32.34 -19.36
C LEU A 180 -14.64 -33.25 -19.35
N GLY A 181 -15.61 -32.99 -18.47
CA GLY A 181 -16.81 -33.81 -18.48
C GLY A 181 -17.59 -33.69 -19.77
N LEU A 182 -17.71 -32.47 -20.29
CA LEU A 182 -18.46 -32.28 -21.53
C LEU A 182 -17.73 -32.91 -22.72
N LEU A 183 -16.40 -32.81 -22.75
CA LEU A 183 -15.65 -33.45 -23.81
C LEU A 183 -15.73 -34.96 -23.71
N GLY A 184 -15.76 -35.50 -22.49
CA GLY A 184 -16.01 -36.92 -22.33
C GLY A 184 -17.37 -37.32 -22.88
N TYR A 185 -18.38 -36.48 -22.65
CA TYR A 185 -19.68 -36.75 -23.25
C TYR A 185 -19.60 -36.71 -24.78
N LEU A 186 -18.85 -35.75 -25.32
CA LEU A 186 -18.69 -35.68 -26.76
C LEU A 186 -18.05 -36.95 -27.31
N PHE A 187 -17.02 -37.44 -26.63
CA PHE A 187 -16.36 -38.68 -27.06
C PHE A 187 -17.31 -39.86 -26.96
N TYR A 188 -18.05 -39.96 -25.87
CA TYR A 188 -18.97 -41.09 -25.67
C TYR A 188 -20.06 -41.09 -26.73
N THR A 189 -20.60 -39.92 -27.06
CA THR A 189 -21.70 -39.84 -28.02
C THR A 189 -21.25 -40.24 -29.41
N ASN A 190 -20.10 -39.71 -29.86
CA ASN A 190 -19.62 -40.00 -31.21
C ASN A 190 -18.10 -40.12 -31.14
N TRP A 191 -17.61 -41.35 -30.97
CA TRP A 191 -16.17 -41.58 -30.97
C TRP A 191 -15.57 -41.29 -32.34
N ARG A 192 -16.26 -41.68 -33.41
CA ARG A 192 -15.72 -41.52 -34.75
C ARG A 192 -15.53 -40.06 -35.13
N LEU A 193 -16.17 -39.14 -34.42
CA LEU A 193 -15.98 -37.71 -34.66
C LEU A 193 -14.75 -37.28 -33.87
N THR A 194 -13.60 -37.26 -34.53
CA THR A 194 -12.34 -36.92 -33.89
C THR A 194 -11.56 -35.83 -34.60
N ILE A 195 -12.08 -35.28 -35.71
CA ILE A 195 -11.37 -34.22 -36.40
C ILE A 195 -11.37 -32.93 -35.58
N CYS A 196 -12.30 -32.78 -34.65
CA CYS A 196 -12.30 -31.61 -33.77
C CYS A 196 -11.05 -31.59 -32.90
N ILE A 197 -10.63 -32.75 -32.39
CA ILE A 197 -9.37 -32.83 -31.65
C ILE A 197 -8.20 -32.49 -32.56
N MET A 198 -8.27 -32.92 -33.81
CA MET A 198 -7.16 -32.77 -34.74
C MET A 198 -7.08 -31.34 -35.26
N VAL A 199 -6.25 -31.14 -36.28
CA VAL A 199 -6.02 -29.87 -36.98
C VAL A 199 -5.97 -28.67 -36.04
N PHE A 200 -7.11 -28.03 -35.75
CA PHE A 200 -7.10 -26.70 -35.17
C PHE A 200 -6.51 -26.67 -33.76
N LEU A 201 -6.78 -27.71 -32.96
CA LEU A 201 -6.49 -27.65 -31.53
C LEU A 201 -5.01 -27.36 -31.21
N PRO A 202 -4.03 -27.98 -31.86
CA PRO A 202 -2.64 -27.57 -31.61
C PRO A 202 -2.36 -26.12 -31.94
N ILE A 203 -2.94 -25.59 -33.02
CA ILE A 203 -2.76 -24.18 -33.33
C ILE A 203 -3.39 -23.31 -32.24
N ILE A 204 -4.54 -23.73 -31.72
CA ILE A 204 -5.15 -23.01 -30.61
C ILE A 204 -4.23 -23.00 -29.40
N GLY A 205 -3.63 -24.15 -29.10
CA GLY A 205 -2.73 -24.23 -27.96
C GLY A 205 -1.51 -23.33 -28.11
N ILE A 206 -0.87 -23.37 -29.29
CA ILE A 206 0.33 -22.55 -29.47
C ILE A 206 -0.05 -21.08 -29.51
N LEU A 207 -1.23 -20.73 -30.04
CA LEU A 207 -1.69 -19.35 -29.99
C LEU A 207 -1.88 -18.89 -28.56
N VAL A 208 -2.45 -19.75 -27.71
CA VAL A 208 -2.63 -19.39 -26.30
C VAL A 208 -1.28 -19.18 -25.62
N ARG A 209 -0.32 -20.07 -25.90
CA ARG A 209 1.00 -19.92 -25.30
C ARG A 209 1.68 -18.62 -25.75
N LYS A 210 1.58 -18.31 -27.05
CA LYS A 210 2.17 -17.07 -27.55
C LYS A 210 1.51 -15.85 -26.91
N ALA A 211 0.18 -15.88 -26.78
CA ALA A 211 -0.52 -14.78 -26.14
C ALA A 211 -0.09 -14.61 -24.70
N SER A 212 0.07 -15.71 -23.97
CA SER A 212 0.51 -15.63 -22.58
C SER A 212 1.92 -15.05 -22.48
N LYS A 213 2.81 -15.49 -23.36
CA LYS A 213 4.18 -14.94 -23.36
C LYS A 213 4.16 -13.44 -23.65
N ARG A 214 3.37 -13.02 -24.64
CA ARG A 214 3.31 -11.60 -24.96
C ARG A 214 2.73 -10.79 -23.81
N MET A 215 1.70 -11.34 -23.14
CA MET A 215 1.13 -10.65 -21.98
C MET A 215 2.15 -10.51 -20.86
N ARG A 216 2.96 -11.55 -20.64
CA ARG A 216 4.02 -11.43 -19.64
C ARG A 216 5.03 -10.36 -20.04
N LYS A 217 5.35 -10.27 -21.32
CA LYS A 217 6.27 -9.23 -21.78
C LYS A 217 5.72 -7.84 -21.47
N LEU A 218 4.44 -7.61 -21.75
CA LEU A 218 3.84 -6.31 -21.47
C LEU A 218 3.77 -6.06 -19.96
N SER A 219 3.47 -7.10 -19.18
CA SER A 219 3.40 -6.95 -17.73
C SER A 219 4.74 -6.56 -17.15
N MET A 220 5.84 -7.00 -17.79
CA MET A 220 7.15 -6.55 -17.34
C MET A 220 7.26 -5.03 -17.37
N GLN A 221 6.89 -4.42 -18.50
CA GLN A 221 6.97 -2.96 -18.60
C GLN A 221 5.94 -2.28 -17.70
N VAL A 222 4.77 -2.90 -17.53
CA VAL A 222 3.78 -2.36 -16.61
C VAL A 222 4.34 -2.30 -15.19
N GLN A 223 4.98 -3.39 -14.76
CA GLN A 223 5.60 -3.42 -13.44
C GLN A 223 6.73 -2.41 -13.34
N ASP A 224 7.49 -2.22 -14.42
CA ASP A 224 8.57 -1.23 -14.41
C ASP A 224 8.02 0.17 -14.17
N THR A 225 6.97 0.54 -14.92
CA THR A 225 6.34 1.85 -14.71
C THR A 225 5.73 1.96 -13.32
N MET A 226 5.14 0.86 -12.84
CA MET A 226 4.62 0.79 -11.48
C MET A 226 5.70 1.16 -10.46
N GLY A 227 6.85 0.50 -10.54
CA GLY A 227 7.92 0.78 -9.60
C GLY A 227 8.44 2.20 -9.72
N ASP A 228 8.57 2.70 -10.96
CA ASP A 228 9.05 4.05 -11.17
C ASP A 228 8.12 5.07 -10.51
N VAL A 229 6.82 4.97 -10.78
CA VAL A 229 5.89 5.94 -10.22
C VAL A 229 5.81 5.78 -8.71
N ASN A 230 5.91 4.55 -8.19
CA ASN A 230 5.88 4.34 -6.75
C ASN A 230 7.05 5.05 -6.09
N HIS A 231 8.25 4.92 -6.67
CA HIS A 231 9.42 5.57 -6.09
C HIS A 231 9.32 7.08 -6.19
N VAL A 232 8.79 7.58 -7.32
CA VAL A 232 8.62 9.03 -7.46
C VAL A 232 7.68 9.56 -6.38
N VAL A 233 6.54 8.89 -6.18
CA VAL A 233 5.59 9.32 -5.18
C VAL A 233 6.21 9.26 -3.78
N GLN A 234 6.91 8.18 -3.48
CA GLN A 234 7.47 8.01 -2.14
C GLN A 234 8.53 9.07 -1.85
N GLU A 235 9.42 9.34 -2.81
CA GLU A 235 10.44 10.36 -2.59
C GLU A 235 9.85 11.77 -2.63
N SER A 236 8.68 11.94 -3.23
CA SER A 236 7.98 13.22 -3.09
C SER A 236 7.38 13.36 -1.70
N ILE A 237 6.83 12.28 -1.15
CA ILE A 237 6.25 12.34 0.20
C ILE A 237 7.34 12.62 1.23
N ASN A 238 8.43 11.85 1.19
CA ASN A 238 9.51 12.08 2.14
C ASN A 238 10.17 13.44 1.96
N GLY A 239 10.01 14.06 0.78
CA GLY A 239 10.63 15.34 0.52
C GLY A 239 9.65 16.48 0.42
N ASN A 240 8.65 16.51 1.30
CA ASN A 240 7.73 17.65 1.31
C ASN A 240 8.42 18.90 1.84
N ALA A 241 9.35 18.73 2.78
CA ALA A 241 10.07 19.86 3.33
C ALA A 241 10.79 20.65 2.23
N VAL A 242 11.45 19.94 1.32
CA VAL A 242 12.18 20.63 0.26
C VAL A 242 11.21 21.20 -0.78
N VAL A 243 10.10 20.51 -1.04
CA VAL A 243 9.21 20.99 -2.08
C VAL A 243 8.44 22.23 -1.62
N LYS A 244 8.22 22.37 -0.31
CA LYS A 244 7.53 23.56 0.17
C LYS A 244 8.49 24.66 0.60
N SER A 245 9.70 24.31 1.02
CA SER A 245 10.67 25.31 1.46
C SER A 245 11.06 26.23 0.30
N PHE A 246 11.74 25.69 -0.71
CA PHE A 246 12.13 26.46 -1.88
C PHE A 246 11.87 25.59 -3.12
N ALA A 247 10.64 25.62 -3.61
CA ALA A 247 10.26 24.86 -4.79
C ALA A 247 8.81 25.17 -5.13
N GLY A 248 8.41 24.76 -6.32
CA GLY A 248 7.01 24.80 -6.74
C GLY A 248 6.53 23.38 -7.01
N GLU A 249 5.25 23.14 -6.72
CA GLU A 249 4.70 21.80 -6.89
C GLU A 249 4.48 21.45 -8.36
N GLU A 250 4.55 22.44 -9.26
CA GLU A 250 4.20 22.19 -10.65
C GLU A 250 5.20 21.26 -11.34
N SER A 251 6.49 21.40 -11.03
CA SER A 251 7.49 20.52 -11.65
C SER A 251 7.27 19.07 -11.25
N GLU A 252 7.05 18.83 -9.95
CA GLU A 252 6.80 17.48 -9.49
C GLU A 252 5.49 16.94 -10.05
N GLN A 253 4.48 17.81 -10.17
CA GLN A 253 3.22 17.40 -10.78
C GLN A 253 3.43 16.96 -12.22
N GLU A 254 4.24 17.71 -12.97
CA GLU A 254 4.51 17.34 -14.37
C GLU A 254 5.27 16.03 -14.45
N ARG A 255 6.24 15.82 -13.57
CA ARG A 255 6.99 14.56 -13.58
C ARG A 255 6.05 13.39 -13.30
N PHE A 256 5.21 13.53 -12.28
CA PHE A 256 4.25 12.47 -11.96
C PHE A 256 3.28 12.25 -13.10
N TYR A 257 2.84 13.33 -13.76
CA TYR A 257 1.93 13.21 -14.89
C TYR A 257 2.56 12.43 -16.02
N LYS A 258 3.83 12.71 -16.33
CA LYS A 258 4.52 11.98 -17.38
C LYS A 258 4.61 10.49 -17.04
N SER A 259 5.03 10.18 -15.81
CA SER A 259 5.14 8.78 -15.42
C SER A 259 3.78 8.08 -15.48
N SER A 260 2.74 8.75 -14.99
CA SER A 260 1.42 8.13 -14.98
C SER A 260 0.88 7.94 -16.39
N GLU A 261 1.15 8.88 -17.29
CA GLU A 261 0.69 8.72 -18.67
C GLU A 261 1.42 7.57 -19.36
N GLU A 262 2.71 7.41 -19.08
CA GLU A 262 3.42 6.25 -19.62
C GLU A 262 2.82 4.95 -19.10
N ASN A 263 2.52 4.91 -17.80
CA ASN A 263 1.87 3.73 -17.24
C ASN A 263 0.52 3.48 -17.89
N LEU A 264 -0.25 4.55 -18.12
CA LEU A 264 -1.55 4.41 -18.77
C LEU A 264 -1.41 3.82 -20.16
N LYS A 265 -0.45 4.31 -20.95
CA LYS A 265 -0.29 3.80 -22.30
C LYS A 265 0.12 2.34 -22.29
N ARG A 266 1.04 1.95 -21.40
CA ARG A 266 1.41 0.55 -21.30
C ARG A 266 0.23 -0.31 -20.90
N GLY A 267 -0.59 0.15 -19.95
CA GLY A 267 -1.74 -0.62 -19.53
C GLY A 267 -2.78 -0.78 -20.61
N LEU A 268 -3.01 0.29 -21.39
CA LEU A 268 -3.94 0.19 -22.51
C LEU A 268 -3.45 -0.82 -23.54
N LYS A 269 -2.15 -0.83 -23.83
CA LYS A 269 -1.64 -1.85 -24.76
C LYS A 269 -1.82 -3.25 -24.18
N MET A 270 -1.54 -3.41 -22.88
CA MET A 270 -1.70 -4.72 -22.24
C MET A 270 -3.14 -5.19 -22.35
N VAL A 271 -4.10 -4.29 -22.13
CA VAL A 271 -5.48 -4.74 -22.12
C VAL A 271 -6.02 -4.89 -23.54
N ILE A 272 -5.44 -4.18 -24.52
CA ILE A 272 -5.66 -4.54 -25.92
C ILE A 272 -5.34 -6.01 -26.14
N VAL A 273 -4.14 -6.42 -25.74
CA VAL A 273 -3.74 -7.81 -25.91
C VAL A 273 -4.72 -8.74 -25.18
N GLN A 274 -5.08 -8.36 -23.95
CA GLN A 274 -5.96 -9.20 -23.15
C GLN A 274 -7.31 -9.39 -23.79
N ASN A 275 -8.03 -8.29 -24.02
CA ASN A 275 -9.37 -8.38 -24.59
C ASN A 275 -9.39 -8.82 -26.03
N LEU A 276 -8.23 -8.90 -26.70
CA LEU A 276 -8.19 -9.48 -28.04
C LEU A 276 -7.84 -10.95 -28.03
N ASN A 277 -7.24 -11.46 -26.96
CA ASN A 277 -6.89 -12.88 -26.91
C ASN A 277 -8.13 -13.77 -26.99
N SER A 278 -9.12 -13.52 -26.12
CA SER A 278 -10.27 -14.41 -26.03
C SER A 278 -11.15 -14.43 -27.28
N PRO A 279 -11.48 -13.29 -27.91
CA PRO A 279 -12.36 -13.38 -29.08
C PRO A 279 -11.78 -14.19 -30.22
N VAL A 280 -10.48 -14.07 -30.49
CA VAL A 280 -9.91 -14.77 -31.64
C VAL A 280 -9.87 -16.27 -31.39
N VAL A 281 -9.54 -16.69 -30.16
CA VAL A 281 -9.54 -18.12 -29.86
C VAL A 281 -10.97 -18.65 -29.90
N GLN A 282 -11.95 -17.87 -29.43
CA GLN A 282 -13.34 -18.29 -29.53
C GLN A 282 -13.74 -18.48 -30.98
N VAL A 283 -13.38 -17.52 -31.85
CA VAL A 283 -13.74 -17.62 -33.26
C VAL A 283 -13.08 -18.81 -33.91
N VAL A 284 -11.80 -19.06 -33.63
CA VAL A 284 -11.12 -20.16 -34.30
C VAL A 284 -11.67 -21.50 -33.84
N MET A 285 -11.92 -21.67 -32.54
CA MET A 285 -12.48 -22.94 -32.07
C MET A 285 -13.89 -23.14 -32.59
N ALA A 286 -14.69 -22.07 -32.66
CA ALA A 286 -16.02 -22.19 -33.20
C ALA A 286 -16.00 -22.51 -34.69
N CYS A 287 -15.01 -21.96 -35.41
CA CYS A 287 -14.83 -22.31 -36.81
C CYS A 287 -14.49 -23.78 -36.96
N ALA A 288 -13.62 -24.30 -36.10
CA ALA A 288 -13.32 -25.72 -36.11
C ALA A 288 -14.56 -26.55 -35.84
N MET A 289 -15.38 -26.14 -34.88
CA MET A 289 -16.60 -26.87 -34.56
C MET A 289 -17.56 -26.86 -35.74
N ALA A 290 -17.72 -25.71 -36.39
CA ALA A 290 -18.58 -25.64 -37.57
C ALA A 290 -18.06 -26.52 -38.68
N LEU A 291 -16.74 -26.53 -38.89
CA LEU A 291 -16.15 -27.37 -39.92
C LEU A 291 -16.42 -28.84 -39.66
N ILE A 292 -16.23 -29.29 -38.41
CA ILE A 292 -16.46 -30.70 -38.12
C ILE A 292 -17.94 -31.04 -38.21
N VAL A 293 -18.83 -30.13 -37.81
CA VAL A 293 -20.26 -30.37 -37.96
C VAL A 293 -20.62 -30.51 -39.44
N TRP A 294 -19.97 -29.73 -40.31
CA TRP A 294 -20.34 -29.72 -41.72
C TRP A 294 -20.30 -31.11 -42.32
N LEU A 295 -19.16 -31.80 -42.20
CA LEU A 295 -19.11 -33.18 -42.67
C LEU A 295 -19.82 -34.13 -41.73
N ALA A 296 -19.95 -33.77 -40.44
CA ALA A 296 -20.81 -34.54 -39.55
C ALA A 296 -22.28 -34.40 -39.95
N LEU A 297 -22.63 -33.28 -40.58
CA LEU A 297 -23.97 -33.02 -41.09
C LEU A 297 -24.01 -33.15 -42.61
N ARG A 298 -23.02 -33.81 -43.19
CA ARG A 298 -22.95 -33.98 -44.63
C ARG A 298 -24.19 -34.68 -45.15
N PRO A 299 -24.72 -34.27 -46.31
CA PRO A 299 -25.88 -34.97 -46.89
C PRO A 299 -25.57 -36.44 -47.13
N GLN A 300 -26.65 -37.19 -47.41
CA GLN A 300 -26.65 -38.64 -47.62
C GLN A 300 -25.94 -39.40 -46.49
N ILE A 301 -25.74 -38.77 -45.34
CA ILE A 301 -25.41 -39.47 -44.11
C ILE A 301 -26.41 -39.08 -43.03
N LEU A 302 -26.45 -37.78 -42.70
CA LEU A 302 -27.37 -37.23 -41.71
C LEU A 302 -27.25 -37.93 -40.36
N GLY A 303 -26.12 -38.59 -40.11
CA GLY A 303 -26.00 -39.40 -38.90
C GLY A 303 -26.99 -40.52 -38.82
N ASN A 304 -27.27 -41.18 -39.96
CA ASN A 304 -28.25 -42.27 -40.05
C ASN A 304 -29.64 -41.80 -39.64
N THR A 305 -29.92 -40.50 -39.80
CA THR A 305 -31.24 -39.92 -39.58
C THR A 305 -31.76 -40.22 -38.17
N THR A 306 -30.89 -40.06 -37.18
CA THR A 306 -31.32 -40.21 -35.79
C THR A 306 -32.23 -39.05 -35.38
N ALA A 307 -31.81 -37.82 -35.68
CA ALA A 307 -32.57 -36.60 -35.44
C ALA A 307 -32.74 -36.30 -33.96
N GLY A 308 -32.30 -37.20 -33.10
CA GLY A 308 -32.30 -36.94 -31.67
C GLY A 308 -30.90 -36.84 -31.09
N GLU A 309 -29.99 -37.67 -31.59
CA GLU A 309 -28.62 -37.67 -31.07
C GLU A 309 -27.83 -36.49 -31.63
N PHE A 310 -28.05 -36.16 -32.91
CA PHE A 310 -27.31 -35.05 -33.51
C PHE A 310 -27.63 -33.74 -32.82
N VAL A 311 -28.91 -33.52 -32.47
CA VAL A 311 -29.29 -32.31 -31.77
C VAL A 311 -28.61 -32.26 -30.40
N ALA A 312 -28.57 -33.39 -29.71
CA ALA A 312 -27.89 -33.44 -28.41
C ALA A 312 -26.42 -33.09 -28.55
N TYR A 313 -25.77 -33.63 -29.58
CA TYR A 313 -24.35 -33.34 -29.78
C TYR A 313 -24.13 -31.85 -30.08
N ILE A 314 -24.98 -31.27 -30.93
CA ILE A 314 -24.84 -29.86 -31.26
C ILE A 314 -25.03 -29.00 -30.01
N THR A 315 -26.05 -29.30 -29.21
CA THR A 315 -26.27 -28.57 -27.98
C THR A 315 -25.05 -28.69 -27.06
N ALA A 316 -24.61 -29.92 -26.79
CA ALA A 316 -23.48 -30.12 -25.90
C ALA A 316 -22.25 -29.38 -26.38
N ALA A 317 -22.01 -29.37 -27.69
CA ALA A 317 -20.92 -28.56 -28.23
C ALA A 317 -21.13 -27.08 -27.94
N GLY A 318 -22.37 -26.59 -28.07
CA GLY A 318 -22.66 -25.21 -27.73
C GLY A 318 -22.43 -24.88 -26.28
N LEU A 319 -22.65 -25.85 -25.38
CA LEU A 319 -22.37 -25.64 -23.96
C LEU A 319 -20.90 -25.38 -23.67
N LEU A 320 -19.99 -25.65 -24.60
CA LEU A 320 -18.59 -25.34 -24.37
C LEU A 320 -18.32 -23.84 -24.36
N SER A 321 -19.17 -23.03 -25.00
CA SER A 321 -18.83 -21.66 -25.34
C SER A 321 -18.43 -20.82 -24.14
N LYS A 322 -19.35 -20.61 -23.21
CA LYS A 322 -19.09 -19.78 -22.04
C LYS A 322 -17.99 -20.33 -21.14
N PRO A 323 -18.00 -21.62 -20.79
CA PRO A 323 -16.92 -22.12 -19.90
C PRO A 323 -15.54 -22.01 -20.52
N VAL A 324 -15.39 -22.32 -21.82
CA VAL A 324 -14.08 -22.17 -22.45
C VAL A 324 -13.69 -20.70 -22.53
N LYS A 325 -14.68 -19.82 -22.73
CA LYS A 325 -14.39 -18.39 -22.73
C LYS A 325 -13.85 -17.94 -21.37
N ASN A 326 -14.46 -18.43 -20.29
CA ASN A 326 -13.95 -18.13 -18.96
C ASN A 326 -12.56 -18.71 -18.76
N LEU A 327 -12.34 -19.92 -19.28
CA LEU A 327 -11.05 -20.57 -19.15
C LEU A 327 -9.96 -19.80 -19.89
N THR A 328 -10.30 -19.14 -20.99
CA THR A 328 -9.34 -18.30 -21.68
C THR A 328 -9.15 -16.97 -20.95
N ASP A 329 -10.23 -16.43 -20.38
CA ASP A 329 -10.13 -15.12 -19.72
C ASP A 329 -9.37 -15.20 -18.40
N VAL A 330 -9.38 -16.35 -17.72
CA VAL A 330 -8.67 -16.45 -16.45
C VAL A 330 -7.16 -16.37 -16.66
N ASN A 331 -6.70 -16.46 -17.90
CA ASN A 331 -5.27 -16.35 -18.18
C ASN A 331 -4.71 -15.04 -17.64
N GLU A 332 -5.40 -13.94 -17.90
CA GLU A 332 -4.93 -12.64 -17.44
C GLU A 332 -4.81 -12.60 -15.93
N LYS A 333 -5.85 -13.01 -15.22
CA LYS A 333 -5.82 -12.92 -13.76
C LYS A 333 -4.74 -13.81 -13.18
N LEU A 334 -4.66 -15.06 -13.63
CA LEU A 334 -3.66 -15.98 -13.09
C LEU A 334 -2.25 -15.49 -13.38
N GLN A 335 -1.99 -15.02 -14.59
CA GLN A 335 -0.63 -14.66 -14.96
C GLN A 335 -0.23 -13.32 -14.36
N ARG A 336 -1.20 -12.40 -14.17
CA ARG A 336 -0.92 -11.19 -13.41
C ARG A 336 -0.59 -11.52 -11.96
N GLY A 337 -1.31 -12.48 -11.36
CA GLY A 337 -0.96 -12.91 -10.02
C GLY A 337 0.44 -13.51 -9.96
N LEU A 338 0.78 -14.33 -10.95
CA LEU A 338 2.11 -14.94 -10.99
C LEU A 338 3.20 -13.88 -11.13
N ALA A 339 3.00 -12.93 -12.04
CA ALA A 339 4.00 -11.89 -12.24
C ALA A 339 4.14 -11.01 -11.00
N ALA A 340 3.02 -10.67 -10.37
CA ALA A 340 3.05 -9.91 -9.13
C ALA A 340 3.55 -10.74 -7.95
N ALA A 341 3.72 -12.04 -8.13
CA ALA A 341 4.17 -12.92 -7.05
C ALA A 341 5.69 -12.84 -6.88
N HIS A 342 6.15 -11.63 -6.56
CA HIS A 342 7.49 -11.46 -6.03
C HIS A 342 7.56 -11.73 -4.54
N SER A 343 6.40 -11.82 -3.87
CA SER A 343 6.38 -12.15 -2.45
C SER A 343 6.92 -13.55 -2.21
N VAL A 344 6.64 -14.49 -3.11
CA VAL A 344 7.17 -15.84 -2.97
C VAL A 344 8.69 -15.86 -3.14
N PHE A 345 9.26 -14.81 -3.72
CA PHE A 345 10.69 -14.72 -3.94
C PHE A 345 11.43 -13.98 -2.85
N GLU A 346 10.78 -13.03 -2.17
CA GLU A 346 11.50 -12.22 -1.18
C GLU A 346 11.99 -13.08 -0.02
N LEU A 347 11.19 -14.04 0.44
CA LEU A 347 11.64 -14.92 1.51
C LEU A 347 12.61 -15.97 1.00
N LEU A 348 12.55 -16.33 -0.28
CA LEU A 348 13.46 -17.32 -0.83
C LEU A 348 14.90 -16.81 -0.89
N ASP A 349 15.10 -15.49 -0.79
CA ASP A 349 16.42 -14.89 -0.85
C ASP A 349 16.69 -14.23 0.50
N LEU A 350 17.33 -14.97 1.40
CA LEU A 350 17.65 -14.46 2.72
C LEU A 350 18.74 -15.32 3.38
N PRO A 351 19.82 -14.71 3.85
CA PRO A 351 20.84 -15.49 4.56
C PRO A 351 20.65 -15.45 6.08
N GLU A 352 21.10 -16.49 6.77
CA GLU A 352 21.06 -16.53 8.23
C GLU A 352 22.17 -17.47 8.69
N GLU A 353 23.30 -16.89 9.10
CA GLU A 353 24.47 -17.65 9.49
C GLU A 353 24.88 -17.45 10.95
N GLN A 354 24.57 -16.29 11.52
CA GLN A 354 24.98 -16.03 12.90
C GLN A 354 24.30 -16.98 13.87
N ASN A 355 23.00 -17.24 13.67
CA ASN A 355 22.25 -18.13 14.55
C ASN A 355 22.58 -19.58 14.22
N SER A 356 23.79 -19.99 14.61
CA SER A 356 24.27 -21.34 14.36
C SER A 356 24.38 -22.16 15.64
N GLY A 357 23.79 -21.67 16.74
CA GLY A 357 23.85 -22.39 18.00
C GLY A 357 22.88 -23.55 18.12
N GLU A 358 21.88 -23.62 17.25
CA GLU A 358 20.90 -24.70 17.25
C GLU A 358 20.22 -24.84 18.61
N LEU A 359 19.90 -23.71 19.23
CA LEU A 359 19.27 -23.71 20.54
C LEU A 359 18.42 -22.45 20.69
N LYS A 360 17.49 -22.50 21.63
CA LYS A 360 16.61 -21.37 21.94
C LYS A 360 16.54 -21.21 23.45
N PRO A 361 17.29 -20.27 24.02
CA PRO A 361 17.24 -20.07 25.47
C PRO A 361 15.90 -19.54 25.98
N GLN A 362 15.05 -19.02 25.09
CA GLN A 362 13.73 -18.48 25.45
C GLN A 362 13.97 -17.31 26.40
N LEU A 363 13.37 -17.30 27.59
CA LEU A 363 13.56 -16.18 28.51
C LEU A 363 14.95 -16.20 29.12
N GLN A 364 15.89 -15.50 28.50
CA GLN A 364 17.25 -15.44 29.03
C GLN A 364 17.29 -14.73 30.38
N GLY A 365 16.55 -13.63 30.51
CA GLY A 365 16.52 -12.87 31.74
C GLY A 365 17.50 -11.71 31.81
N ALA A 366 18.51 -11.70 30.93
CA ALA A 366 19.50 -10.62 30.93
C ALA A 366 20.18 -10.59 29.57
N ILE A 367 20.01 -9.49 28.84
CA ILE A 367 20.65 -9.30 27.54
C ILE A 367 21.71 -8.23 27.75
N ARG A 368 22.94 -8.68 28.03
CA ARG A 368 24.04 -7.78 28.35
C ARG A 368 25.18 -7.97 27.35
N PHE A 369 25.91 -6.90 27.10
CA PHE A 369 27.08 -6.91 26.23
C PHE A 369 28.26 -6.31 26.97
N ASP A 370 29.41 -6.97 26.91
CA ASP A 370 30.61 -6.53 27.60
C ASP A 370 31.63 -6.06 26.57
N HIS A 371 32.15 -4.85 26.78
CA HIS A 371 33.12 -4.23 25.87
C HIS A 371 32.58 -4.21 24.44
N VAL A 372 31.34 -3.77 24.30
CA VAL A 372 30.64 -3.76 23.02
C VAL A 372 30.97 -2.44 22.31
N VAL A 373 31.59 -2.56 21.13
CA VAL A 373 31.90 -1.42 20.28
C VAL A 373 31.50 -1.78 18.86
N LEU A 374 30.66 -0.94 18.25
CA LEU A 374 30.20 -1.15 16.88
C LEU A 374 30.47 0.10 16.07
N ASN A 375 31.09 -0.07 14.91
CA ASN A 375 31.43 1.03 14.02
C ASN A 375 30.61 0.92 12.73
N TYR A 376 29.90 1.99 12.39
CA TYR A 376 29.12 2.00 11.17
C TYR A 376 30.03 2.08 9.94
N ALA A 377 29.52 1.58 8.82
CA ALA A 377 30.29 1.60 7.58
C ALA A 377 30.48 3.03 7.11
N ASP A 378 31.73 3.39 6.80
CA ASP A 378 32.09 4.74 6.37
C ASP A 378 31.65 5.79 7.37
N GLY A 379 31.78 5.47 8.65
CA GLY A 379 31.37 6.39 9.70
C GLY A 379 31.98 6.02 11.03
N THR A 380 31.94 6.97 11.96
CA THR A 380 32.49 6.75 13.29
C THR A 380 31.61 5.78 14.08
N GLN A 381 32.23 5.14 15.07
CA GLN A 381 31.52 4.19 15.91
C GLN A 381 30.50 4.91 16.79
N ALA A 382 29.26 4.42 16.78
CA ALA A 382 28.23 5.02 17.62
C ALA A 382 28.51 4.79 19.09
N ILE A 383 28.92 3.59 19.46
CA ILE A 383 29.24 3.24 20.84
C ILE A 383 30.65 2.66 20.87
N LYS A 384 31.50 3.21 21.73
CA LYS A 384 32.87 2.76 21.86
C LYS A 384 33.16 2.44 23.32
N ASP A 385 33.75 1.27 23.56
CA ASP A 385 34.10 0.81 24.92
C ASP A 385 32.89 0.82 25.85
N PHE A 386 31.76 0.35 25.35
CA PHE A 386 30.53 0.31 26.11
C PHE A 386 30.28 -1.12 26.59
N SER A 387 30.10 -1.28 27.89
CA SER A 387 29.85 -2.58 28.51
C SER A 387 28.53 -2.57 29.27
N LEU A 388 27.48 -2.03 28.65
CA LEU A 388 26.19 -1.92 29.30
C LEU A 388 25.60 -3.30 29.59
N ASP A 389 25.00 -3.44 30.77
CA ASP A 389 24.37 -4.68 31.19
C ASP A 389 22.94 -4.40 31.65
N ILE A 390 22.06 -5.36 31.44
CA ILE A 390 20.65 -5.25 31.79
C ILE A 390 20.35 -6.24 32.90
N ARG A 391 19.87 -5.75 34.03
CA ARG A 391 19.52 -6.60 35.16
C ARG A 391 18.20 -7.31 34.89
N PRO A 392 17.94 -8.42 35.60
CA PRO A 392 16.70 -9.17 35.40
C PRO A 392 15.54 -8.52 36.15
N GLY A 393 14.54 -8.04 35.42
CA GLY A 393 13.36 -7.46 36.02
C GLY A 393 13.53 -6.05 36.54
N GLU A 394 14.65 -5.40 36.25
CA GLU A 394 14.91 -4.05 36.73
C GLU A 394 14.64 -3.04 35.62
N THR A 395 13.95 -1.96 35.98
CA THR A 395 13.66 -0.91 35.01
C THR A 395 14.95 -0.22 34.59
N VAL A 396 15.14 -0.07 33.28
CA VAL A 396 16.33 0.54 32.71
C VAL A 396 15.89 1.54 31.64
N ALA A 397 16.49 2.73 31.67
CA ALA A 397 16.18 3.78 30.72
C ALA A 397 17.47 4.40 30.21
N LEU A 398 17.40 4.99 29.02
CA LEU A 398 18.54 5.65 28.39
C LEU A 398 18.26 7.14 28.32
N VAL A 399 19.19 7.95 28.83
CA VAL A 399 19.06 9.40 28.87
C VAL A 399 20.05 10.00 27.88
N GLY A 400 19.54 10.78 26.93
CA GLY A 400 20.39 11.43 25.95
C GLY A 400 19.56 12.30 25.04
N ARG A 401 20.27 13.06 24.20
CA ARG A 401 19.60 13.94 23.25
C ARG A 401 18.99 13.13 22.11
N SER A 402 18.11 13.79 21.36
CA SER A 402 17.49 13.15 20.20
C SER A 402 18.53 12.82 19.15
N GLY A 403 18.48 11.60 18.63
CA GLY A 403 19.43 11.13 17.65
C GLY A 403 20.77 10.70 18.20
N ALA A 404 20.94 10.71 19.53
CA ALA A 404 22.20 10.31 20.12
C ALA A 404 22.37 8.79 20.07
N GLY A 405 23.53 8.34 20.56
CA GLY A 405 23.85 6.92 20.55
C GLY A 405 23.16 6.09 21.59
N LYS A 406 22.45 6.71 22.54
CA LYS A 406 21.78 5.94 23.59
C LYS A 406 20.65 5.10 23.01
N THR A 407 19.77 5.71 22.21
CA THR A 407 18.67 4.96 21.62
C THR A 407 19.17 3.90 20.65
N SER A 408 20.22 4.23 19.88
CA SER A 408 20.79 3.25 18.96
C SER A 408 21.37 2.07 19.72
N LEU A 409 22.08 2.32 20.81
CA LEU A 409 22.61 1.23 21.62
C LEU A 409 21.51 0.39 22.24
N VAL A 410 20.43 1.05 22.68
CA VAL A 410 19.31 0.32 23.27
C VAL A 410 18.67 -0.61 22.23
N ASN A 411 18.44 -0.08 21.03
CA ASN A 411 17.85 -0.89 19.97
C ASN A 411 18.84 -1.88 19.35
N MET A 412 20.13 -1.75 19.66
CA MET A 412 21.14 -2.63 19.09
C MET A 412 21.03 -4.07 19.57
N LEU A 413 20.20 -4.35 20.58
CA LEU A 413 20.07 -5.72 21.07
C LEU A 413 19.55 -6.64 19.97
N VAL A 414 18.56 -6.20 19.21
CA VAL A 414 17.98 -7.05 18.16
C VAL A 414 18.74 -6.74 16.88
N ARG A 415 19.93 -7.36 16.78
CA ARG A 415 20.73 -7.45 15.55
C ARG A 415 20.70 -6.16 14.73
N PHE A 416 20.92 -5.02 15.40
CA PHE A 416 20.99 -3.76 14.68
C PHE A 416 22.30 -3.61 13.91
N GLN A 417 23.38 -4.15 14.46
CA GLN A 417 24.70 -4.09 13.82
C GLN A 417 25.36 -5.46 13.88
N GLU A 418 26.30 -5.68 12.96
CA GLU A 418 27.01 -6.94 12.92
C GLU A 418 27.83 -7.15 14.20
N VAL A 419 28.49 -6.08 14.67
CA VAL A 419 29.31 -6.11 15.89
C VAL A 419 30.38 -7.19 15.77
N SER A 420 31.06 -7.22 14.62
CA SER A 420 32.13 -8.20 14.43
C SER A 420 33.27 -7.98 15.41
N SER A 421 33.63 -6.73 15.65
CA SER A 421 34.69 -6.39 16.60
C SER A 421 34.09 -6.18 17.98
N GLY A 422 34.51 -7.00 18.94
CA GLY A 422 34.00 -6.90 20.29
C GLY A 422 32.96 -7.96 20.60
N GLN A 423 33.37 -9.02 21.29
CA GLN A 423 32.45 -10.10 21.62
C GLN A 423 31.41 -9.64 22.63
N ILE A 424 30.17 -10.06 22.43
CA ILE A 424 29.06 -9.76 23.33
C ILE A 424 28.45 -11.07 23.79
N TYR A 425 28.35 -11.25 25.11
CA TYR A 425 27.81 -12.46 25.70
C TYR A 425 26.68 -12.09 26.65
N LEU A 426 25.51 -12.68 26.42
CA LEU A 426 24.33 -12.46 27.26
C LEU A 426 24.11 -13.66 28.15
N ASP A 427 24.00 -13.42 29.46
CA ASP A 427 23.89 -14.47 30.46
C ASP A 427 25.06 -15.45 30.35
N ASP A 428 26.26 -14.88 30.25
CA ASP A 428 27.49 -15.65 30.10
C ASP A 428 27.45 -16.56 28.87
N LEU A 429 26.87 -16.04 27.78
CA LEU A 429 26.77 -16.81 26.54
C LEU A 429 26.55 -15.84 25.40
N PRO A 430 27.24 -16.01 24.27
CA PRO A 430 27.01 -15.12 23.12
C PRO A 430 25.58 -15.26 22.60
N ILE A 431 25.05 -14.14 22.11
CA ILE A 431 23.67 -14.11 21.62
C ILE A 431 23.50 -14.86 20.31
N ARG A 432 24.59 -15.22 19.63
CA ARG A 432 24.49 -15.94 18.37
C ARG A 432 23.99 -17.36 18.56
N ASP A 433 24.06 -17.91 19.78
CA ASP A 433 23.59 -19.27 20.02
C ASP A 433 22.10 -19.40 19.78
N ILE A 434 21.32 -18.41 20.25
CA ILE A 434 19.87 -18.47 20.08
C ILE A 434 19.51 -18.26 18.62
N GLU A 435 18.43 -18.91 18.19
CA GLU A 435 17.96 -18.76 16.82
C GLU A 435 17.48 -17.33 16.58
N LEU A 436 17.61 -16.88 15.33
CA LEU A 436 17.22 -15.51 14.99
C LEU A 436 15.73 -15.29 15.25
N SER A 437 14.88 -16.23 14.82
CA SER A 437 13.46 -16.11 15.07
C SER A 437 13.16 -16.12 16.56
N SER A 438 13.78 -17.04 17.30
CA SER A 438 13.57 -17.11 18.74
C SER A 438 14.06 -15.86 19.44
N LEU A 439 15.23 -15.36 19.05
CA LEU A 439 15.77 -14.15 19.66
C LEU A 439 14.86 -12.95 19.40
N ARG A 440 14.35 -12.83 18.18
CA ARG A 440 13.46 -11.72 17.87
C ARG A 440 12.14 -11.84 18.64
N THR A 441 11.56 -13.04 18.66
CA THR A 441 10.27 -13.23 19.32
C THR A 441 10.38 -13.01 20.83
N GLN A 442 11.45 -13.50 21.45
CA GLN A 442 11.61 -13.36 22.90
C GLN A 442 11.78 -11.91 23.33
N ILE A 443 12.14 -11.02 22.41
CA ILE A 443 12.28 -9.60 22.71
C ILE A 443 11.05 -8.87 22.21
N ALA A 444 10.71 -7.77 22.88
CA ALA A 444 9.55 -6.97 22.53
C ALA A 444 9.97 -5.51 22.38
N MET A 445 9.39 -4.84 21.38
CA MET A 445 9.64 -3.43 21.14
C MET A 445 8.32 -2.72 20.91
N VAL A 446 8.28 -1.44 21.27
CA VAL A 446 7.08 -0.62 21.10
C VAL A 446 7.31 0.28 19.88
N ASN A 447 6.51 0.05 18.83
CA ASN A 447 6.61 0.85 17.61
C ASN A 447 5.26 0.78 16.92
N GLN A 448 4.53 1.90 16.93
CA GLN A 448 3.20 1.92 16.34
C GLN A 448 3.26 1.68 14.83
N GLN A 449 4.22 2.30 14.16
CA GLN A 449 4.32 2.17 12.71
C GLN A 449 4.62 0.73 12.31
N VAL A 450 5.56 0.08 12.99
CA VAL A 450 5.94 -1.28 12.63
C VAL A 450 4.79 -2.25 12.91
N VAL A 451 4.21 -2.17 14.10
CA VAL A 451 3.09 -3.06 14.47
C VAL A 451 1.82 -2.30 14.09
N LEU A 452 1.45 -2.41 12.82
CA LEU A 452 0.23 -1.78 12.32
C LEU A 452 -0.26 -2.62 11.15
N PHE A 453 -1.22 -3.50 11.42
CA PHE A 453 -1.80 -4.34 10.38
C PHE A 453 -2.90 -3.58 9.67
N ASN A 454 -2.81 -3.54 8.33
CA ASN A 454 -3.82 -2.85 7.52
C ASN A 454 -5.07 -3.72 7.37
N ARG A 455 -5.68 -4.01 8.52
CA ARG A 455 -6.86 -4.86 8.59
C ARG A 455 -7.60 -4.53 9.89
N THR A 456 -8.55 -5.40 10.25
CA THR A 456 -9.37 -5.16 11.44
C THR A 456 -8.51 -5.21 12.69
N VAL A 457 -8.97 -4.52 13.73
CA VAL A 457 -8.22 -4.43 14.99
C VAL A 457 -8.02 -5.81 15.59
N ARG A 458 -8.95 -6.75 15.34
CA ARG A 458 -8.75 -8.11 15.80
C ARG A 458 -7.52 -8.73 15.17
N GLU A 459 -7.31 -8.49 13.88
CA GLU A 459 -6.11 -8.99 13.21
C GLU A 459 -4.87 -8.18 13.58
N ASN A 460 -5.07 -6.97 14.14
CA ASN A 460 -3.94 -6.13 14.50
C ASN A 460 -3.14 -6.74 15.65
N ILE A 461 -3.81 -7.40 16.58
CA ILE A 461 -3.15 -7.98 17.75
C ILE A 461 -2.97 -9.48 17.54
N ALA A 462 -2.94 -9.91 16.28
CA ALA A 462 -2.74 -11.32 15.98
C ALA A 462 -1.39 -11.81 16.51
N TYR A 463 -1.41 -12.94 17.20
CA TYR A 463 -0.21 -13.47 17.84
C TYR A 463 0.58 -14.31 16.83
N GLY A 464 1.57 -15.05 17.32
CA GLY A 464 2.38 -15.87 16.43
C GLY A 464 1.57 -16.95 15.76
N GLN A 465 0.66 -17.59 16.49
CA GLN A 465 -0.18 -18.65 15.95
C GLN A 465 -1.62 -18.39 16.32
N LEU A 466 -2.53 -18.83 15.45
CA LEU A 466 -3.96 -18.64 15.69
C LEU A 466 -4.44 -19.50 16.86
N HIS A 467 -4.05 -20.77 16.87
CA HIS A 467 -4.51 -21.68 17.93
C HIS A 467 -3.77 -21.45 19.25
N ASN A 468 -2.54 -20.94 19.20
CA ASN A 468 -1.76 -20.77 20.42
C ASN A 468 -2.38 -19.75 21.36
N ALA A 469 -2.91 -18.66 20.80
CA ALA A 469 -3.44 -17.56 21.60
C ALA A 469 -4.97 -17.58 21.54
N SER A 470 -5.59 -17.80 22.69
CA SER A 470 -7.04 -17.73 22.78
C SER A 470 -7.51 -16.28 22.76
N ASP A 471 -8.64 -16.03 22.08
CA ASP A 471 -9.14 -14.67 21.95
C ASP A 471 -9.53 -14.08 23.30
N GLU A 472 -10.22 -14.87 24.14
CA GLU A 472 -10.71 -14.37 25.42
C GLU A 472 -9.56 -13.95 26.32
N ASP A 473 -8.52 -14.78 26.41
CA ASP A 473 -7.38 -14.44 27.25
C ASP A 473 -6.68 -13.18 26.78
N VAL A 474 -6.51 -13.04 25.46
CA VAL A 474 -5.86 -11.86 24.91
C VAL A 474 -6.69 -10.62 25.21
N ILE A 475 -8.02 -10.71 25.06
CA ILE A 475 -8.87 -9.56 25.34
C ILE A 475 -8.80 -9.19 26.81
N ALA A 476 -8.83 -10.19 27.70
CA ALA A 476 -8.76 -9.90 29.14
C ALA A 476 -7.42 -9.26 29.50
N ALA A 477 -6.31 -9.75 28.93
CA ALA A 477 -5.01 -9.17 29.21
C ALA A 477 -4.93 -7.74 28.68
N ALA A 478 -5.43 -7.50 27.47
CA ALA A 478 -5.38 -6.16 26.89
C ALA A 478 -6.32 -5.20 27.59
N LYS A 479 -7.32 -5.71 28.32
CA LYS A 479 -8.19 -4.84 29.10
C LYS A 479 -7.43 -4.06 30.15
N ALA A 480 -6.27 -4.54 30.59
CA ALA A 480 -5.45 -3.79 31.53
C ALA A 480 -4.91 -2.51 30.92
N ALA A 481 -4.60 -2.53 29.63
CA ALA A 481 -4.10 -1.34 28.94
C ALA A 481 -5.14 -0.24 28.81
N TYR A 482 -6.41 -0.55 29.05
CA TYR A 482 -7.52 0.39 29.00
C TYR A 482 -7.73 0.98 27.61
N ALA A 483 -7.20 0.35 26.57
CA ALA A 483 -7.40 0.80 25.21
C ALA A 483 -8.59 0.13 24.53
N HIS A 484 -9.28 -0.78 25.22
CA HIS A 484 -10.45 -1.42 24.64
C HIS A 484 -11.56 -0.40 24.40
N ASP A 485 -11.73 0.55 25.33
CA ASP A 485 -12.75 1.58 25.16
C ASP A 485 -12.45 2.47 23.95
N PHE A 486 -11.17 2.81 23.75
CA PHE A 486 -10.80 3.65 22.62
C PHE A 486 -11.11 2.98 21.29
N ILE A 487 -10.81 1.68 21.18
CA ILE A 487 -11.10 0.97 19.94
C ILE A 487 -12.60 0.77 19.76
N MET A 488 -13.31 0.49 20.85
CA MET A 488 -14.74 0.22 20.75
C MET A 488 -15.54 1.48 20.46
N ASN A 489 -15.05 2.65 20.89
CA ASN A 489 -15.78 3.90 20.67
C ASN A 489 -15.93 4.19 19.19
N LEU A 490 -14.86 4.00 18.41
CA LEU A 490 -14.92 4.19 16.97
C LEU A 490 -15.38 2.90 16.31
N PRO A 491 -16.53 2.90 15.60
CA PRO A 491 -17.04 1.66 14.99
C PRO A 491 -17.07 0.48 15.94
N ASN A 492 -16.81 -0.73 15.41
CA ASN A 492 -16.80 -1.94 16.21
C ASN A 492 -15.87 -2.93 15.54
N GLY A 493 -14.67 -3.12 16.13
CA GLY A 493 -13.70 -4.03 15.55
C GLY A 493 -14.16 -5.47 15.50
N TYR A 494 -14.94 -5.89 16.50
CA TYR A 494 -15.41 -7.27 16.53
C TYR A 494 -16.48 -7.52 15.47
N ASP A 495 -17.43 -6.59 15.34
CA ASP A 495 -18.54 -6.76 14.42
C ASP A 495 -18.30 -6.12 13.05
N THR A 496 -17.20 -5.40 12.87
CA THR A 496 -16.91 -4.75 11.61
C THR A 496 -15.41 -4.57 11.46
N VAL A 497 -14.98 -4.33 10.22
CA VAL A 497 -13.57 -4.14 9.93
C VAL A 497 -13.08 -2.85 10.57
N LEU A 498 -11.93 -2.92 11.23
CA LEU A 498 -11.30 -1.78 11.89
C LEU A 498 -9.96 -1.51 11.24
N GLY A 499 -9.18 -0.61 11.85
CA GLY A 499 -7.87 -0.28 11.35
C GLY A 499 -7.85 0.69 10.19
N ALA A 500 -8.92 1.46 10.01
CA ALA A 500 -8.99 2.41 8.90
C ALA A 500 -8.06 3.59 9.16
N GLN A 501 -8.10 4.58 8.26
CA GLN A 501 -7.24 5.75 8.38
C GLN A 501 -7.55 6.52 9.66
N GLY A 502 -8.84 6.66 9.99
CA GLY A 502 -9.20 7.37 11.21
C GLY A 502 -8.70 6.68 12.47
N LEU A 503 -8.81 5.34 12.51
CA LEU A 503 -8.32 4.60 13.67
C LEU A 503 -6.80 4.68 13.78
N ASN A 504 -6.10 4.60 12.64
CA ASN A 504 -4.64 4.66 12.64
C ASN A 504 -4.10 6.07 12.86
N LEU A 505 -4.91 7.10 12.65
CA LEU A 505 -4.43 8.46 12.88
C LEU A 505 -4.18 8.74 14.36
N SER A 506 -4.84 8.01 15.25
CA SER A 506 -4.67 8.19 16.69
C SER A 506 -3.35 7.53 17.10
N GLY A 507 -2.34 8.36 17.35
CA GLY A 507 -1.04 7.83 17.77
C GLY A 507 -1.10 7.15 19.13
N GLY A 508 -1.84 7.73 20.06
CA GLY A 508 -1.97 7.12 21.37
C GLY A 508 -2.66 5.76 21.31
N GLN A 509 -3.72 5.66 20.49
CA GLN A 509 -4.41 4.38 20.34
C GLN A 509 -3.50 3.33 19.74
N ARG A 510 -2.72 3.70 18.72
CA ARG A 510 -1.80 2.76 18.10
C ARG A 510 -0.72 2.31 19.08
N GLN A 511 -0.17 3.25 19.86
CA GLN A 511 0.84 2.90 20.85
C GLN A 511 0.27 1.97 21.91
N ARG A 512 -0.96 2.25 22.36
CA ARG A 512 -1.59 1.38 23.35
C ARG A 512 -1.87 0.00 22.78
N ILE A 513 -2.28 -0.08 21.51
CA ILE A 513 -2.52 -1.37 20.87
C ILE A 513 -1.22 -2.18 20.78
N ALA A 514 -0.12 -1.51 20.40
CA ALA A 514 1.16 -2.18 20.35
C ALA A 514 1.60 -2.64 21.73
N ILE A 515 1.35 -1.82 22.76
CA ILE A 515 1.69 -2.20 24.13
C ILE A 515 0.89 -3.43 24.56
N ALA A 516 -0.41 -3.45 24.21
CA ALA A 516 -1.25 -4.60 24.53
C ALA A 516 -0.77 -5.86 23.81
N ARG A 517 -0.36 -5.72 22.55
CA ARG A 517 0.17 -6.87 21.82
C ARG A 517 1.45 -7.37 22.47
N ALA A 518 2.32 -6.47 22.90
CA ALA A 518 3.55 -6.87 23.59
C ALA A 518 3.23 -7.57 24.90
N ILE A 519 2.24 -7.07 25.63
CA ILE A 519 1.83 -7.71 26.89
C ILE A 519 1.32 -9.11 26.63
N LEU A 520 0.49 -9.27 25.59
CA LEU A 520 -0.01 -10.59 25.24
C LEU A 520 1.12 -11.50 24.77
N LYS A 521 2.20 -10.92 24.25
CA LYS A 521 3.37 -11.73 23.90
C LYS A 521 4.08 -12.25 25.15
N ASN A 522 4.02 -11.51 26.25
CA ASN A 522 4.68 -11.89 27.50
C ASN A 522 6.17 -12.11 27.30
N ALA A 523 6.81 -11.21 26.55
CA ALA A 523 8.22 -11.33 26.26
C ALA A 523 9.06 -10.99 27.48
N PRO A 524 10.33 -11.41 27.50
CA PRO A 524 11.19 -11.13 28.67
C PRO A 524 11.73 -9.71 28.69
N ILE A 525 11.94 -9.12 27.53
CA ILE A 525 12.52 -7.79 27.39
C ILE A 525 11.57 -6.92 26.59
N LEU A 526 11.31 -5.72 27.09
CA LEU A 526 10.41 -4.77 26.45
C LEU A 526 11.14 -3.45 26.25
N ILE A 527 11.04 -2.89 25.04
CA ILE A 527 11.63 -1.61 24.69
C ILE A 527 10.52 -0.69 24.22
N LEU A 528 10.48 0.52 24.80
CA LEU A 528 9.43 1.48 24.47
C LEU A 528 10.03 2.87 24.34
N ASP A 529 9.37 3.72 23.57
CA ASP A 529 9.77 5.11 23.37
C ASP A 529 8.64 6.01 23.86
N GLU A 530 8.94 6.86 24.84
CA GLU A 530 7.94 7.76 25.39
C GLU A 530 7.77 9.04 24.56
N ALA A 531 8.68 9.29 23.62
CA ALA A 531 8.57 10.50 22.80
C ALA A 531 7.33 10.46 21.92
N THR A 532 7.01 9.28 21.36
CA THR A 532 5.86 9.17 20.49
C THR A 532 4.55 9.42 21.25
N SER A 533 4.47 8.94 22.49
CA SER A 533 3.26 9.10 23.28
C SER A 533 3.02 10.58 23.60
N ALA A 534 1.76 10.97 23.61
CA ALA A 534 1.40 12.35 23.90
C ALA A 534 1.71 12.70 25.35
N LEU A 535 2.28 13.89 25.55
CA LEU A 535 2.61 14.33 26.91
C LEU A 535 1.35 14.52 27.75
N ASP A 536 0.32 15.12 27.17
CA ASP A 536 -0.94 15.37 27.87
C ASP A 536 -2.08 14.76 27.08
N ASN A 537 -2.89 13.93 27.75
CA ASN A 537 -4.02 13.28 27.11
C ASN A 537 -5.03 12.89 28.17
N GLU A 538 -6.24 12.60 27.71
CA GLU A 538 -7.29 12.15 28.63
C GLU A 538 -6.92 10.82 29.28
N SER A 539 -6.34 9.91 28.51
CA SER A 539 -5.91 8.61 29.00
C SER A 539 -4.45 8.58 29.41
N GLU A 540 -3.83 9.75 29.60
CA GLU A 540 -2.42 9.79 29.99
C GLU A 540 -2.20 9.14 31.35
N HIS A 541 -3.09 9.40 32.31
CA HIS A 541 -2.98 8.78 33.62
C HIS A 541 -3.15 7.26 33.52
N PHE A 542 -4.11 6.80 32.72
CA PHE A 542 -4.30 5.37 32.54
C PHE A 542 -3.09 4.74 31.85
N ILE A 543 -2.52 5.43 30.86
CA ILE A 543 -1.34 4.93 30.18
C ILE A 543 -0.17 4.82 31.15
N GLN A 544 0.01 5.84 32.00
CA GLN A 544 1.09 5.80 32.99
C GLN A 544 0.89 4.66 33.98
N GLN A 545 -0.36 4.45 34.43
CA GLN A 545 -0.65 3.35 35.34
C GLN A 545 -0.37 2.00 34.70
N ALA A 546 -0.77 1.83 33.44
CA ALA A 546 -0.50 0.58 32.73
C ALA A 546 0.99 0.36 32.56
N PHE A 547 1.74 1.40 32.22
CA PHE A 547 3.19 1.27 32.09
C PHE A 547 3.84 0.90 33.41
N ASP A 548 3.39 1.53 34.50
CA ASP A 548 3.94 1.19 35.83
C ASP A 548 3.63 -0.26 36.19
N GLU A 549 2.42 -0.72 35.89
CA GLU A 549 2.07 -2.11 36.18
C GLU A 549 2.92 -3.07 35.34
N ALA A 550 3.13 -2.74 34.06
CA ALA A 550 3.89 -3.63 33.19
C ALA A 550 5.37 -3.64 33.54
N MET A 551 5.90 -2.54 34.08
CA MET A 551 7.33 -2.47 34.39
C MET A 551 7.73 -3.49 35.44
N GLN A 552 6.84 -3.76 36.41
CA GLN A 552 7.16 -4.74 37.44
C GLN A 552 7.06 -6.17 36.92
N ASP A 553 6.25 -6.40 35.89
CA ASP A 553 6.05 -7.76 35.39
C ASP A 553 7.30 -8.30 34.69
N ARG A 554 7.90 -7.49 33.82
CA ARG A 554 9.05 -7.93 33.04
C ARG A 554 10.07 -6.82 32.95
N THR A 555 11.32 -7.21 32.68
CA THR A 555 12.40 -6.24 32.55
C THR A 555 12.15 -5.33 31.36
N THR A 556 12.41 -4.04 31.55
CA THR A 556 12.21 -3.03 30.52
C THR A 556 13.49 -2.24 30.32
N ILE A 557 13.88 -2.09 29.05
CA ILE A 557 15.03 -1.27 28.68
C ILE A 557 14.52 -0.08 27.89
N VAL A 558 13.29 0.34 28.19
CA VAL A 558 12.61 1.36 27.39
C VAL A 558 13.36 2.69 27.49
N ILE A 559 13.55 3.33 26.34
CA ILE A 559 14.11 4.67 26.31
C ILE A 559 12.97 5.66 26.55
N ALA A 560 13.03 6.38 27.67
CA ALA A 560 11.93 7.25 28.10
C ALA A 560 12.29 8.70 27.82
N HIS A 561 11.41 9.39 27.09
CA HIS A 561 11.56 10.81 26.83
C HIS A 561 10.58 11.65 27.65
N ARG A 562 9.86 11.02 28.59
CA ARG A 562 8.88 11.69 29.43
C ARG A 562 9.34 11.67 30.88
N LEU A 563 9.07 12.75 31.60
CA LEU A 563 9.49 12.83 32.99
C LEU A 563 8.72 11.87 33.88
N SER A 564 7.50 11.50 33.50
CA SER A 564 6.71 10.58 34.31
C SER A 564 7.37 9.22 34.41
N THR A 565 7.85 8.70 33.28
CA THR A 565 8.54 7.41 33.28
C THR A 565 9.86 7.49 34.03
N ILE A 566 10.55 8.63 33.92
CA ILE A 566 11.81 8.81 34.64
C ILE A 566 11.56 8.78 36.14
N GLU A 567 10.51 9.46 36.60
CA GLU A 567 10.16 9.41 38.01
C GLU A 567 9.75 8.00 38.42
N ASN A 568 8.99 7.30 37.58
CA ASN A 568 8.60 5.93 37.88
C ASN A 568 9.78 4.96 37.79
N ALA A 569 10.88 5.37 37.18
CA ALA A 569 12.05 4.51 37.04
C ALA A 569 12.87 4.53 38.32
N ASP A 570 13.04 3.36 38.93
CA ASP A 570 13.85 3.26 40.14
C ASP A 570 15.34 3.37 39.82
N ARG A 571 15.78 2.74 38.74
CA ARG A 571 17.18 2.76 38.31
C ARG A 571 17.26 3.32 36.91
N ILE A 572 18.18 4.26 36.70
CA ILE A 572 18.36 4.93 35.42
C ILE A 572 19.79 4.75 34.96
N VAL A 573 19.96 4.48 33.67
CA VAL A 573 21.27 4.33 33.05
C VAL A 573 21.56 5.57 32.23
N VAL A 574 22.68 6.22 32.53
CA VAL A 574 23.07 7.45 31.84
C VAL A 574 24.31 7.13 30.99
N MET A 575 24.21 7.39 29.69
CA MET A 575 25.30 7.13 28.75
C MET A 575 25.63 8.41 27.99
N ASP A 576 26.93 8.68 27.85
CA ASP A 576 27.42 9.85 27.14
C ASP A 576 28.22 9.40 25.93
N ARG A 577 27.85 9.90 24.75
CA ARG A 577 28.54 9.58 23.50
C ARG A 577 28.61 8.07 23.26
N GLY A 578 27.53 7.37 23.60
CA GLY A 578 27.46 5.94 23.42
C GLY A 578 28.12 5.12 24.50
N GLN A 579 28.67 5.76 25.55
CA GLN A 579 29.32 5.06 26.64
C GLN A 579 28.71 5.50 27.96
N ILE A 580 28.47 4.54 28.84
CA ILE A 580 27.86 4.80 30.15
C ILE A 580 28.94 4.62 31.21
N VAL A 581 29.25 5.71 31.93
CA VAL A 581 30.27 5.64 32.97
C VAL A 581 29.79 4.78 34.14
N GLU A 582 28.57 5.03 34.60
CA GLU A 582 28.02 4.29 35.73
C GLU A 582 26.52 4.50 35.78
N GLN A 583 25.84 3.66 36.56
CA GLN A 583 24.40 3.75 36.78
C GLN A 583 24.14 4.06 38.25
N GLY A 584 23.30 5.06 38.50
CA GLY A 584 23.01 5.48 39.84
C GLY A 584 21.51 5.57 40.08
N THR A 585 21.15 5.62 41.36
CA THR A 585 19.76 5.72 41.76
C THR A 585 19.28 7.16 41.66
N HIS A 586 18.00 7.36 41.98
CA HIS A 586 17.42 8.70 41.92
C HIS A 586 18.09 9.64 42.93
N GLN A 587 18.36 9.15 44.14
CA GLN A 587 19.02 9.97 45.14
C GLN A 587 20.45 10.32 44.70
N GLU A 588 21.17 9.36 44.12
CA GLU A 588 22.52 9.63 43.63
C GLU A 588 22.49 10.65 42.50
N LEU A 589 21.52 10.53 41.59
CA LEU A 589 21.41 11.50 40.50
C LEU A 589 21.08 12.88 41.04
N LEU A 590 20.21 12.97 42.04
CA LEU A 590 19.88 14.27 42.63
C LEU A 590 21.10 14.88 43.32
N ALA A 591 21.90 14.05 44.01
CA ALA A 591 23.07 14.56 44.70
C ALA A 591 24.08 15.14 43.71
N LYS A 592 24.31 14.46 42.59
CA LYS A 592 25.24 14.95 41.59
C LYS A 592 24.64 16.13 40.84
N HIS A 593 25.40 17.23 40.75
CA HIS A 593 24.91 18.43 40.09
C HIS A 593 24.67 18.18 38.60
N GLY A 594 25.57 17.45 37.94
CA GLY A 594 25.41 17.19 36.52
C GLY A 594 24.16 16.39 36.21
N ALA A 595 23.88 15.36 37.01
CA ALA A 595 22.65 14.59 36.84
C ALA A 595 21.44 15.34 37.32
N TYR A 596 21.57 16.18 38.35
CA TYR A 596 20.44 16.98 38.82
C TYR A 596 19.99 17.96 37.75
N TYR A 597 20.94 18.57 37.03
CA TYR A 597 20.58 19.48 35.95
C TYR A 597 19.82 18.76 34.85
N GLN A 598 20.27 17.55 34.49
CA GLN A 598 19.56 16.77 33.47
C GLN A 598 18.16 16.38 33.94
N LEU A 599 18.04 16.00 35.21
CA LEU A 599 16.73 15.64 35.76
C LEU A 599 15.79 16.84 35.75
N HIS A 600 16.30 18.02 36.12
CA HIS A 600 15.48 19.22 36.07
C HIS A 600 15.07 19.57 34.65
N GLN A 601 15.98 19.42 33.69
CA GLN A 601 15.65 19.68 32.30
C GLN A 601 14.59 18.71 31.79
N ARG A 602 14.71 17.44 32.15
CA ARG A 602 13.75 16.43 31.73
C ARG A 602 13.67 15.29 32.74
N VAL B 39 -21.54 6.86 -1.55
CA VAL B 39 -20.53 7.85 -1.91
C VAL B 39 -20.18 7.72 -3.39
N TYR B 40 -20.73 6.68 -4.03
CA TYR B 40 -20.46 6.43 -5.44
C TYR B 40 -21.05 7.50 -6.36
N LEU B 41 -21.91 8.37 -5.84
CA LEU B 41 -22.53 9.39 -6.67
C LEU B 41 -21.48 10.31 -7.30
N ARG B 42 -20.51 10.75 -6.49
CA ARG B 42 -19.48 11.65 -7.00
C ARG B 42 -18.59 10.97 -8.02
N LEU B 43 -18.55 9.63 -8.06
CA LEU B 43 -17.75 8.93 -9.05
C LEU B 43 -18.26 9.19 -10.46
N ILE B 44 -19.57 9.41 -10.61
CA ILE B 44 -20.14 9.64 -11.93
C ILE B 44 -19.62 10.94 -12.53
N SER B 45 -19.33 11.93 -11.68
CA SER B 45 -18.80 13.19 -12.17
C SER B 45 -17.45 13.01 -12.86
N TYR B 46 -16.62 12.11 -12.35
CA TYR B 46 -15.34 11.85 -13.00
C TYR B 46 -15.48 11.12 -14.33
N LEU B 47 -16.56 10.38 -14.52
CA LEU B 47 -16.83 9.74 -15.81
C LEU B 47 -17.56 10.66 -16.78
N LYS B 48 -18.18 11.73 -16.30
CA LYS B 48 -18.94 12.58 -17.21
C LYS B 48 -18.11 13.14 -18.36
N PRO B 49 -16.77 13.23 -18.29
CA PRO B 49 -16.01 13.48 -19.51
C PRO B 49 -16.27 12.47 -20.62
N TYR B 50 -16.62 11.23 -20.27
CA TYR B 50 -16.49 10.10 -21.18
C TYR B 50 -17.83 9.60 -21.71
N TRP B 51 -18.90 10.38 -21.61
CA TRP B 51 -20.19 9.95 -22.16
C TRP B 51 -20.11 9.77 -23.67
N GLY B 52 -19.14 10.41 -24.33
CA GLY B 52 -18.99 10.21 -25.77
C GLY B 52 -18.58 8.78 -26.12
N VAL B 53 -17.71 8.19 -25.31
CA VAL B 53 -17.27 6.83 -25.57
C VAL B 53 -18.12 5.80 -24.84
N ALA B 54 -18.81 6.20 -23.77
CA ALA B 54 -19.65 5.28 -23.02
C ALA B 54 -20.84 4.80 -23.85
N LEU B 55 -21.13 5.43 -24.97
CA LEU B 55 -22.17 4.94 -25.86
C LEU B 55 -21.69 3.80 -26.75
N LEU B 56 -20.40 3.47 -26.72
CA LEU B 56 -19.90 2.34 -27.48
C LEU B 56 -19.95 1.04 -26.68
N VAL B 57 -19.73 1.12 -25.37
CA VAL B 57 -19.83 -0.08 -24.54
C VAL B 57 -21.27 -0.60 -24.51
N LEU B 58 -22.24 0.32 -24.52
CA LEU B 58 -23.63 -0.10 -24.59
C LEU B 58 -23.91 -0.83 -25.89
N ILE B 59 -23.38 -0.33 -27.01
CA ILE B 59 -23.57 -1.01 -28.29
C ILE B 59 -22.92 -2.39 -28.26
N GLY B 60 -21.71 -2.47 -27.71
CA GLY B 60 -21.02 -3.75 -27.64
C GLY B 60 -21.75 -4.80 -26.85
N PHE B 61 -22.13 -4.45 -25.61
CA PHE B 61 -22.86 -5.42 -24.80
C PHE B 61 -24.25 -5.66 -25.34
N GLY B 62 -24.84 -4.71 -26.07
CA GLY B 62 -26.10 -4.98 -26.73
C GLY B 62 -25.96 -6.03 -27.82
N MET B 63 -24.89 -5.93 -28.61
CA MET B 63 -24.68 -6.95 -29.65
C MET B 63 -24.37 -8.30 -29.01
N ASN B 64 -23.64 -8.28 -27.89
CA ASN B 64 -23.38 -9.52 -27.16
C ASN B 64 -24.68 -10.16 -26.68
N SER B 65 -25.57 -9.34 -26.11
CA SER B 65 -26.88 -9.84 -25.68
C SER B 65 -27.68 -10.36 -26.86
N ALA B 66 -27.60 -9.66 -28.00
CA ALA B 66 -28.32 -10.11 -29.18
C ALA B 66 -27.84 -11.48 -29.62
N THR B 67 -26.53 -11.71 -29.59
CA THR B 67 -26.00 -13.03 -29.94
C THR B 67 -26.46 -14.08 -28.92
N GLU B 68 -26.40 -13.74 -27.63
CA GLU B 68 -26.73 -14.72 -26.61
C GLU B 68 -28.23 -14.97 -26.55
N VAL B 69 -29.02 -14.14 -27.23
CA VAL B 69 -30.42 -14.47 -27.44
C VAL B 69 -30.60 -15.28 -28.71
N SER B 70 -29.90 -14.89 -29.78
CA SER B 70 -30.00 -15.57 -31.07
C SER B 70 -29.50 -17.00 -31.04
N VAL B 71 -28.76 -17.39 -29.99
CA VAL B 71 -28.43 -18.80 -29.84
C VAL B 71 -29.70 -19.64 -29.76
N ALA B 72 -30.72 -19.12 -29.06
CA ALA B 72 -32.01 -19.81 -29.01
C ALA B 72 -32.66 -19.84 -30.39
N LYS B 73 -32.54 -18.75 -31.15
CA LYS B 73 -33.05 -18.74 -32.51
C LYS B 73 -32.42 -19.86 -33.33
N LEU B 74 -31.10 -20.01 -33.23
CA LEU B 74 -30.41 -21.04 -34.00
C LEU B 74 -30.84 -22.44 -33.56
N ILE B 75 -30.94 -22.66 -32.26
CA ILE B 75 -31.28 -24.01 -31.79
C ILE B 75 -32.71 -24.37 -32.15
N LYS B 76 -33.62 -23.38 -32.16
CA LYS B 76 -34.96 -23.62 -32.66
C LYS B 76 -34.95 -23.86 -34.17
N PHE B 77 -34.09 -23.14 -34.88
CA PHE B 77 -34.01 -23.26 -36.34
C PHE B 77 -33.61 -24.68 -36.73
N ILE B 78 -32.66 -25.26 -36.01
CA ILE B 78 -32.16 -26.59 -36.38
C ILE B 78 -33.24 -27.65 -36.19
N ILE B 79 -34.05 -27.53 -35.15
CA ILE B 79 -35.09 -28.53 -34.91
C ILE B 79 -36.05 -28.59 -36.10
N ASP B 80 -36.52 -27.43 -36.54
CA ASP B 80 -37.44 -27.39 -37.67
C ASP B 80 -36.74 -27.77 -38.96
N ALA B 81 -35.46 -27.42 -39.12
CA ALA B 81 -34.73 -27.81 -40.32
C ALA B 81 -34.62 -29.33 -40.42
N ILE B 82 -34.35 -30.00 -39.29
CA ILE B 82 -34.24 -31.45 -39.30
C ILE B 82 -35.62 -32.08 -39.51
N GLN B 83 -36.64 -31.56 -38.84
CA GLN B 83 -37.98 -32.13 -38.98
C GLN B 83 -38.50 -32.01 -40.41
N ASN B 84 -38.30 -30.85 -41.03
CA ASN B 84 -38.77 -30.61 -42.39
C ASN B 84 -37.76 -30.99 -43.46
N ALA B 85 -36.52 -31.33 -43.07
CA ALA B 85 -35.47 -31.71 -44.02
C ALA B 85 -35.24 -30.63 -45.07
N SER B 86 -35.20 -29.37 -44.62
CA SER B 86 -34.91 -28.24 -45.49
C SER B 86 -33.41 -28.22 -45.74
N ARG B 87 -33.00 -28.78 -46.89
CA ARG B 87 -31.59 -29.06 -47.14
C ARG B 87 -30.76 -27.78 -47.21
N ALA B 88 -31.30 -26.74 -47.84
CA ALA B 88 -30.49 -25.55 -48.15
C ALA B 88 -29.97 -24.89 -46.89
N ASP B 89 -30.87 -24.38 -46.04
CA ASP B 89 -30.44 -23.74 -44.80
C ASP B 89 -29.79 -24.73 -43.85
N LEU B 90 -30.16 -26.01 -43.91
CA LEU B 90 -29.52 -27.01 -43.07
C LEU B 90 -28.02 -27.08 -43.37
N ASP B 91 -27.67 -27.07 -44.66
CA ASP B 91 -26.27 -27.03 -45.06
C ASP B 91 -25.66 -25.65 -44.82
N TRP B 92 -26.47 -24.60 -44.86
CA TRP B 92 -26.00 -23.23 -44.64
C TRP B 92 -25.72 -22.94 -43.17
N PHE B 93 -26.17 -23.81 -42.27
CA PHE B 93 -26.04 -23.64 -40.82
C PHE B 93 -24.63 -23.30 -40.32
N PRO B 94 -23.57 -23.99 -40.75
CA PRO B 94 -22.24 -23.66 -40.21
C PRO B 94 -21.83 -22.21 -40.44
N LEU B 95 -22.22 -21.62 -41.57
CA LEU B 95 -21.98 -20.20 -41.76
C LEU B 95 -22.74 -19.37 -40.72
N LEU B 96 -23.95 -19.78 -40.37
CA LEU B 96 -24.68 -19.10 -39.31
C LEU B 96 -23.94 -19.19 -37.98
N ILE B 97 -23.41 -20.37 -37.65
CA ILE B 97 -22.66 -20.53 -36.42
C ILE B 97 -21.45 -19.60 -36.40
N ILE B 98 -20.70 -19.59 -37.50
CA ILE B 98 -19.48 -18.77 -37.56
C ILE B 98 -19.84 -17.30 -37.47
N LEU B 99 -20.89 -16.87 -38.17
CA LEU B 99 -21.30 -15.48 -38.10
C LEU B 99 -21.73 -15.08 -36.69
N LEU B 100 -22.50 -15.96 -36.03
CA LEU B 100 -22.95 -15.66 -34.67
C LEU B 100 -21.79 -15.54 -33.71
N VAL B 101 -20.85 -16.49 -33.76
CA VAL B 101 -19.73 -16.45 -32.83
C VAL B 101 -18.83 -15.26 -33.14
N PHE B 102 -18.68 -14.91 -34.42
CA PHE B 102 -17.86 -13.76 -34.77
C PHE B 102 -18.48 -12.46 -34.25
N PHE B 103 -19.80 -12.33 -34.41
CA PHE B 103 -20.46 -11.13 -33.88
C PHE B 103 -20.36 -11.07 -32.37
N ARG B 104 -20.53 -12.21 -31.69
CA ARG B 104 -20.37 -12.24 -30.24
C ARG B 104 -18.96 -11.82 -29.85
N GLY B 105 -17.96 -12.35 -30.55
CA GLY B 105 -16.59 -12.00 -30.24
C GLY B 105 -16.30 -10.53 -30.46
N LEU B 106 -16.80 -9.96 -31.55
CA LEU B 106 -16.59 -8.53 -31.81
C LEU B 106 -17.24 -7.68 -30.73
N GLY B 107 -18.47 -8.02 -30.37
CA GLY B 107 -19.15 -7.26 -29.33
C GLY B 107 -18.44 -7.34 -27.99
N LEU B 108 -18.04 -8.56 -27.59
CA LEU B 108 -17.32 -8.73 -26.34
C LEU B 108 -16.00 -7.98 -26.38
N PHE B 109 -15.28 -8.07 -27.49
CA PHE B 109 -13.99 -7.39 -27.61
C PHE B 109 -14.14 -5.90 -27.41
N MET B 110 -15.04 -5.26 -28.18
CA MET B 110 -15.11 -3.81 -28.10
C MET B 110 -15.71 -3.36 -26.77
N GLY B 111 -16.71 -4.08 -26.27
CA GLY B 111 -17.27 -3.72 -24.96
C GLY B 111 -16.24 -3.83 -23.85
N GLY B 112 -15.52 -4.94 -23.79
CA GLY B 112 -14.53 -5.11 -22.75
C GLY B 112 -13.38 -4.11 -22.87
N TYR B 113 -12.91 -3.88 -24.09
CA TYR B 113 -11.82 -2.92 -24.26
C TYR B 113 -12.25 -1.51 -23.86
N TYR B 114 -13.49 -1.13 -24.16
CA TYR B 114 -13.91 0.22 -23.80
C TYR B 114 -14.20 0.34 -22.30
N THR B 115 -14.70 -0.73 -21.67
CA THR B 115 -14.76 -0.75 -20.22
C THR B 115 -13.36 -0.58 -19.63
N ALA B 116 -12.38 -1.24 -20.22
CA ALA B 116 -11.00 -1.11 -19.76
C ALA B 116 -10.48 0.31 -19.94
N VAL B 117 -10.81 0.94 -21.07
CA VAL B 117 -10.40 2.32 -21.29
C VAL B 117 -11.00 3.23 -20.23
N ILE B 118 -12.29 3.04 -19.94
CA ILE B 118 -12.93 3.84 -18.90
C ILE B 118 -12.23 3.60 -17.56
N SER B 119 -11.93 2.34 -17.24
CA SER B 119 -11.31 2.02 -15.96
C SER B 119 -9.93 2.66 -15.83
N ARG B 120 -9.10 2.51 -16.86
CA ARG B 120 -7.74 3.04 -16.79
C ARG B 120 -7.74 4.56 -16.79
N SER B 121 -8.58 5.19 -17.62
CA SER B 121 -8.62 6.64 -17.61
C SER B 121 -9.19 7.16 -16.30
N LEU B 122 -10.18 6.47 -15.72
CA LEU B 122 -10.72 6.85 -14.43
C LEU B 122 -9.66 6.75 -13.34
N VAL B 123 -8.91 5.65 -13.30
CA VAL B 123 -7.91 5.52 -12.25
C VAL B 123 -6.80 6.55 -12.44
N PHE B 124 -6.44 6.84 -13.69
CA PHE B 124 -5.45 7.88 -13.95
C PHE B 124 -5.94 9.23 -13.46
N SER B 125 -7.19 9.58 -13.78
CA SER B 125 -7.72 10.87 -13.37
C SER B 125 -7.83 10.98 -11.85
N ILE B 126 -8.33 9.93 -11.21
CA ILE B 126 -8.45 9.95 -9.75
C ILE B 126 -7.07 10.05 -9.10
N ARG B 127 -6.11 9.29 -9.61
CA ARG B 127 -4.77 9.32 -9.05
C ARG B 127 -4.15 10.71 -9.22
N GLN B 128 -4.30 11.31 -10.40
CA GLN B 128 -3.73 12.63 -10.61
C GLN B 128 -4.37 13.66 -9.70
N GLU B 129 -5.70 13.62 -9.58
CA GLU B 129 -6.38 14.61 -8.73
C GLU B 129 -6.02 14.42 -7.26
N VAL B 130 -5.96 13.18 -6.79
CA VAL B 130 -5.66 12.95 -5.39
C VAL B 130 -4.22 13.34 -5.10
N TYR B 131 -3.30 13.11 -6.05
CA TYR B 131 -1.92 13.54 -5.86
C TYR B 131 -1.83 15.06 -5.83
N ALA B 132 -2.56 15.73 -6.73
CA ALA B 132 -2.53 17.18 -6.77
C ALA B 132 -3.03 17.77 -5.47
N LYS B 133 -4.12 17.24 -4.93
CA LYS B 133 -4.61 17.73 -3.65
C LYS B 133 -3.65 17.38 -2.52
N LEU B 134 -3.09 16.16 -2.56
CA LEU B 134 -2.22 15.69 -1.49
C LEU B 134 -0.96 16.54 -1.39
N LEU B 135 -0.53 17.13 -2.50
CA LEU B 135 0.60 18.06 -2.44
C LEU B 135 0.27 19.30 -1.61
N ARG B 136 -0.97 19.80 -1.72
CA ARG B 136 -1.29 21.12 -1.19
C ARG B 136 -1.54 21.09 0.32
N LEU B 137 -1.80 19.91 0.88
CA LEU B 137 -2.30 19.82 2.25
C LEU B 137 -1.29 20.40 3.24
N PRO B 138 -1.75 20.90 4.40
CA PRO B 138 -0.89 21.75 5.25
C PRO B 138 0.25 21.04 5.97
N ALA B 139 0.48 19.77 5.62
CA ALA B 139 1.68 19.02 6.01
C ALA B 139 1.67 18.53 7.45
N GLN B 140 0.66 18.89 8.24
CA GLN B 140 0.50 18.22 9.53
C GLN B 140 0.02 16.79 9.33
N TYR B 141 -0.64 16.53 8.19
CA TYR B 141 -1.01 15.17 7.83
C TYR B 141 0.22 14.29 7.67
N TYR B 142 1.35 14.89 7.29
CA TYR B 142 2.57 14.11 7.05
C TYR B 142 3.20 13.64 8.34
N LEU B 143 2.97 14.36 9.44
CA LEU B 143 3.58 13.98 10.71
C LEU B 143 3.06 12.64 11.20
N ASP B 144 1.77 12.56 11.50
CA ASP B 144 1.21 11.35 12.10
C ASP B 144 1.01 10.24 11.07
N ASN B 145 0.62 10.58 9.84
CA ASN B 145 0.51 9.59 8.78
C ASN B 145 1.86 9.39 8.12
N SER B 146 2.40 8.18 8.22
CA SER B 146 3.71 7.89 7.66
C SER B 146 3.65 7.82 6.15
N SER B 147 4.84 7.81 5.53
CA SER B 147 4.91 7.74 4.07
C SER B 147 4.36 6.42 3.56
N GLY B 148 4.56 5.34 4.31
CA GLY B 148 4.06 4.03 3.87
C GLY B 148 2.56 3.99 3.71
N HIS B 149 1.83 4.54 4.69
CA HIS B 149 0.38 4.57 4.59
C HIS B 149 -0.09 5.39 3.39
N ILE B 150 0.55 6.52 3.15
CA ILE B 150 0.16 7.38 2.03
C ILE B 150 0.40 6.69 0.70
N THR B 151 1.59 6.07 0.56
CA THR B 151 1.89 5.42 -0.71
C THR B 151 1.07 4.15 -0.90
N ALA B 152 0.65 3.51 0.19
CA ALA B 152 -0.29 2.42 0.08
C ALA B 152 -1.65 2.91 -0.40
N LYS B 153 -2.15 3.98 0.22
CA LYS B 153 -3.45 4.51 -0.14
C LYS B 153 -3.48 4.94 -1.60
N ILE B 154 -2.70 5.98 -1.92
CA ILE B 154 -2.81 6.68 -3.20
C ILE B 154 -2.65 5.72 -4.37
N MET B 155 -2.03 4.58 -4.13
CA MET B 155 -1.76 3.65 -5.21
C MET B 155 -2.64 2.41 -5.19
N TYR B 156 -2.66 1.63 -4.10
CA TYR B 156 -3.45 0.41 -4.09
C TYR B 156 -4.94 0.70 -3.93
N ASN B 157 -5.28 1.68 -3.08
CA ASN B 157 -6.68 1.95 -2.80
C ASN B 157 -7.41 2.39 -4.06
N VAL B 158 -6.78 3.26 -4.86
CA VAL B 158 -7.42 3.75 -6.08
C VAL B 158 -7.57 2.62 -7.09
N GLU B 159 -6.57 1.74 -7.19
CA GLU B 159 -6.69 0.58 -8.08
C GLU B 159 -7.83 -0.33 -7.62
N GLN B 160 -7.95 -0.55 -6.32
CA GLN B 160 -9.05 -1.36 -5.80
C GLN B 160 -10.39 -0.72 -6.13
N LEU B 161 -10.50 0.59 -5.92
CA LEU B 161 -11.76 1.30 -6.20
C LEU B 161 -12.12 1.19 -7.67
N THR B 162 -11.19 1.51 -8.56
CA THR B 162 -11.48 1.46 -9.98
C THR B 162 -11.74 0.05 -10.48
N ALA B 163 -11.03 -0.96 -9.97
CA ALA B 163 -11.29 -2.32 -10.39
C ALA B 163 -12.68 -2.77 -9.95
N ALA B 164 -13.03 -2.51 -8.69
CA ALA B 164 -14.35 -2.90 -8.21
C ALA B 164 -15.44 -2.16 -8.97
N SER B 165 -15.29 -0.85 -9.17
CA SER B 165 -16.32 -0.09 -9.86
C SER B 165 -16.46 -0.53 -11.32
N SER B 166 -15.34 -0.74 -12.02
CA SER B 166 -15.40 -1.15 -13.41
C SER B 166 -15.99 -2.54 -13.54
N GLU B 167 -15.57 -3.49 -12.70
CA GLU B 167 -16.13 -4.83 -12.76
C GLU B 167 -17.62 -4.81 -12.45
N SER B 168 -18.02 -4.05 -11.43
CA SER B 168 -19.44 -3.98 -11.09
C SER B 168 -20.25 -3.36 -12.22
N LEU B 169 -19.73 -2.29 -12.83
CA LEU B 169 -20.46 -1.65 -13.92
C LEU B 169 -20.56 -2.57 -15.13
N LYS B 170 -19.46 -3.25 -15.47
CA LYS B 170 -19.46 -4.16 -16.60
C LYS B 170 -20.45 -5.29 -16.38
N THR B 171 -20.41 -5.92 -15.20
CA THR B 171 -21.30 -7.04 -14.95
C THR B 171 -22.75 -6.58 -14.82
N ILE B 172 -23.00 -5.39 -14.28
CA ILE B 172 -24.39 -4.94 -14.15
C ILE B 172 -24.95 -4.57 -15.51
N VAL B 173 -24.15 -3.98 -16.39
CA VAL B 173 -24.62 -3.66 -17.74
C VAL B 173 -24.91 -4.94 -18.51
N ARG B 174 -23.97 -5.89 -18.48
CA ARG B 174 -24.18 -7.15 -19.17
C ARG B 174 -25.40 -7.88 -18.62
N ASP B 175 -25.49 -7.97 -17.30
CA ASP B 175 -26.61 -8.62 -16.64
C ASP B 175 -27.93 -7.98 -17.05
N GLY B 176 -28.03 -6.65 -16.92
CA GLY B 176 -29.28 -5.97 -17.21
C GLY B 176 -29.69 -6.15 -18.66
N MET B 177 -28.75 -6.00 -19.58
CA MET B 177 -29.13 -6.04 -20.99
C MET B 177 -29.46 -7.46 -21.43
N ILE B 178 -28.69 -8.45 -21.00
CA ILE B 178 -29.04 -9.83 -21.34
C ILE B 178 -30.35 -10.23 -20.69
N THR B 179 -30.60 -9.77 -19.46
CA THR B 179 -31.85 -10.09 -18.79
C THR B 179 -33.03 -9.47 -19.53
N LEU B 180 -32.90 -8.22 -19.96
CA LEU B 180 -33.97 -7.59 -20.72
C LEU B 180 -34.23 -8.35 -22.01
N GLY B 181 -33.16 -8.69 -22.75
CA GLY B 181 -33.35 -9.40 -24.00
C GLY B 181 -34.01 -10.76 -23.82
N LEU B 182 -33.51 -11.54 -22.86
CA LEU B 182 -34.06 -12.89 -22.65
C LEU B 182 -35.46 -12.84 -22.08
N LEU B 183 -35.74 -11.90 -21.17
CA LEU B 183 -37.07 -11.77 -20.62
C LEU B 183 -38.06 -11.34 -21.71
N GLY B 184 -37.65 -10.45 -22.60
CA GLY B 184 -38.49 -10.11 -23.73
C GLY B 184 -38.75 -11.31 -24.62
N TYR B 185 -37.72 -12.12 -24.85
CA TYR B 185 -37.90 -13.32 -25.66
C TYR B 185 -38.88 -14.29 -25.02
N LEU B 186 -38.78 -14.48 -23.70
CA LEU B 186 -39.72 -15.36 -23.00
C LEU B 186 -41.14 -14.80 -23.05
N PHE B 187 -41.30 -13.51 -22.75
CA PHE B 187 -42.62 -12.89 -22.76
C PHE B 187 -43.22 -12.86 -24.16
N TYR B 188 -42.40 -12.95 -25.21
CA TYR B 188 -42.92 -12.96 -26.56
C TYR B 188 -43.70 -14.22 -26.87
N THR B 189 -43.44 -15.32 -26.15
CA THR B 189 -44.04 -16.60 -26.48
C THR B 189 -44.98 -17.13 -25.41
N ASN B 190 -44.52 -17.29 -24.17
CA ASN B 190 -45.29 -17.99 -23.15
C ASN B 190 -45.97 -17.06 -22.16
N TRP B 191 -45.89 -15.75 -22.36
CA TRP B 191 -46.58 -14.78 -21.53
C TRP B 191 -46.18 -14.88 -20.06
N ARG B 192 -47.12 -15.25 -19.19
CA ARG B 192 -46.94 -15.12 -17.75
C ARG B 192 -46.22 -16.32 -17.15
N LEU B 193 -45.43 -16.05 -16.11
CA LEU B 193 -44.73 -17.08 -15.35
C LEU B 193 -44.84 -16.86 -13.84
N THR B 194 -45.68 -15.91 -13.41
CA THR B 194 -45.71 -15.53 -12.00
C THR B 194 -46.29 -16.64 -11.13
N ILE B 195 -47.18 -17.48 -11.69
CA ILE B 195 -47.86 -18.49 -10.88
C ILE B 195 -46.84 -19.47 -10.28
N CYS B 196 -45.78 -19.79 -11.02
CA CYS B 196 -44.78 -20.71 -10.50
C CYS B 196 -43.99 -20.10 -9.35
N ILE B 197 -43.75 -18.78 -9.40
CA ILE B 197 -42.96 -18.13 -8.36
C ILE B 197 -43.88 -17.46 -7.34
N ALA B 307 -43.18 -27.96 -30.60
CA ALA B 307 -42.06 -28.66 -31.20
C ALA B 307 -40.73 -27.99 -30.84
N GLY B 308 -40.13 -27.33 -31.83
CA GLY B 308 -38.88 -26.63 -31.58
C GLY B 308 -39.07 -25.38 -30.74
N GLU B 309 -40.28 -24.81 -30.75
CA GLU B 309 -40.54 -23.60 -29.97
C GLU B 309 -40.38 -23.87 -28.47
N PHE B 310 -40.83 -25.04 -28.01
CA PHE B 310 -40.62 -25.41 -26.62
C PHE B 310 -39.13 -25.48 -26.29
N VAL B 311 -38.34 -26.05 -27.22
CA VAL B 311 -36.90 -26.11 -27.02
C VAL B 311 -36.31 -24.72 -26.93
N ALA B 312 -36.72 -23.83 -27.83
CA ALA B 312 -36.19 -22.47 -27.81
C ALA B 312 -36.54 -21.77 -26.51
N TYR B 313 -37.78 -21.94 -26.04
CA TYR B 313 -38.18 -21.27 -24.80
C TYR B 313 -37.41 -21.81 -23.61
N ILE B 314 -37.22 -23.13 -23.52
CA ILE B 314 -36.51 -23.68 -22.36
C ILE B 314 -35.05 -23.26 -22.40
N THR B 315 -34.44 -23.21 -23.59
CA THR B 315 -33.08 -22.71 -23.70
C THR B 315 -32.99 -21.26 -23.24
N ALA B 316 -33.84 -20.39 -23.79
CA ALA B 316 -33.77 -18.98 -23.44
C ALA B 316 -34.05 -18.74 -21.97
N ALA B 317 -34.84 -19.61 -21.34
CA ALA B 317 -35.03 -19.51 -19.90
C ALA B 317 -33.79 -19.96 -19.14
N GLY B 318 -33.15 -21.04 -19.59
CA GLY B 318 -31.97 -21.52 -18.91
C GLY B 318 -30.81 -20.53 -18.99
N LEU B 319 -30.73 -19.79 -20.10
CA LEU B 319 -29.63 -18.83 -20.25
C LEU B 319 -29.58 -17.79 -19.14
N LEU B 320 -30.70 -17.58 -18.45
CA LEU B 320 -30.71 -16.62 -17.35
C LEU B 320 -29.81 -17.05 -16.20
N SER B 321 -29.45 -18.34 -16.14
CA SER B 321 -28.80 -18.91 -14.97
C SER B 321 -27.57 -18.11 -14.55
N LYS B 322 -26.55 -18.08 -15.39
CA LYS B 322 -25.32 -17.38 -15.03
C LYS B 322 -25.52 -15.88 -14.88
N PRO B 323 -26.21 -15.17 -15.80
CA PRO B 323 -26.45 -13.74 -15.58
C PRO B 323 -27.12 -13.42 -14.25
N VAL B 324 -28.21 -14.11 -13.94
CA VAL B 324 -28.92 -13.85 -12.68
C VAL B 324 -28.05 -14.20 -11.49
N LYS B 325 -27.23 -15.25 -11.61
CA LYS B 325 -26.27 -15.55 -10.55
C LYS B 325 -25.29 -14.39 -10.36
N ASN B 326 -24.89 -13.74 -11.45
CA ASN B 326 -24.10 -12.52 -11.32
C ASN B 326 -24.90 -11.44 -10.61
N LEU B 327 -26.20 -11.36 -10.88
CA LEU B 327 -27.03 -10.32 -10.28
C LEU B 327 -26.94 -10.34 -8.75
N THR B 328 -27.05 -11.52 -8.15
CA THR B 328 -27.00 -11.62 -6.70
C THR B 328 -25.58 -11.56 -6.16
N ASP B 329 -24.57 -11.52 -7.04
CA ASP B 329 -23.18 -11.45 -6.61
C ASP B 329 -22.56 -10.06 -6.81
N VAL B 330 -23.23 -9.16 -7.53
CA VAL B 330 -22.69 -7.82 -7.73
C VAL B 330 -22.50 -7.12 -6.40
N ASN B 331 -23.43 -7.31 -5.46
CA ASN B 331 -23.37 -6.62 -4.18
C ASN B 331 -22.09 -6.95 -3.42
N GLU B 332 -21.55 -8.15 -3.61
CA GLU B 332 -20.29 -8.50 -2.94
C GLU B 332 -19.15 -7.59 -3.40
N LYS B 333 -18.97 -7.47 -4.72
CA LYS B 333 -17.94 -6.59 -5.25
C LYS B 333 -18.23 -5.13 -4.90
N LEU B 334 -19.51 -4.76 -4.91
CA LEU B 334 -19.88 -3.39 -4.58
C LEU B 334 -19.49 -3.05 -3.15
N GLN B 335 -19.76 -3.94 -2.20
CA GLN B 335 -19.39 -3.69 -0.81
C GLN B 335 -17.88 -3.75 -0.62
N ARG B 336 -17.19 -4.63 -1.35
CA ARG B 336 -15.74 -4.64 -1.27
C ARG B 336 -15.16 -3.31 -1.74
N GLY B 337 -15.71 -2.76 -2.82
CA GLY B 337 -15.30 -1.44 -3.25
C GLY B 337 -15.68 -0.34 -2.28
N LEU B 338 -16.84 -0.49 -1.62
CA LEU B 338 -17.25 0.46 -0.60
C LEU B 338 -16.29 0.49 0.57
N ALA B 339 -15.72 -0.67 0.92
CA ALA B 339 -14.79 -0.73 2.04
C ALA B 339 -13.56 0.12 1.81
N ALA B 340 -13.21 0.38 0.55
CA ALA B 340 -12.04 1.17 0.22
C ALA B 340 -12.36 2.57 -0.28
N ALA B 341 -13.58 2.79 -0.79
CA ALA B 341 -13.92 4.07 -1.39
C ALA B 341 -13.85 5.22 -0.39
N HIS B 342 -14.35 4.99 0.82
CA HIS B 342 -14.36 6.05 1.83
C HIS B 342 -12.94 6.50 2.17
N SER B 343 -11.98 5.59 2.10
CA SER B 343 -10.61 5.93 2.49
C SER B 343 -10.01 6.96 1.55
N VAL B 344 -10.31 6.86 0.25
CA VAL B 344 -9.71 7.79 -0.71
C VAL B 344 -10.60 9.01 -0.90
N PHE B 345 -11.92 8.83 -0.95
CA PHE B 345 -12.81 9.95 -1.20
C PHE B 345 -12.83 10.93 -0.04
N GLU B 346 -12.68 10.42 1.19
CA GLU B 346 -12.55 11.31 2.33
C GLU B 346 -11.29 12.16 2.21
N LEU B 347 -10.19 11.55 1.77
CA LEU B 347 -8.97 12.30 1.52
C LEU B 347 -9.07 13.13 0.25
N LEU B 348 -10.04 12.87 -0.62
CA LEU B 348 -10.24 13.66 -1.83
C LEU B 348 -10.65 15.10 -1.52
N ASP B 349 -11.08 15.38 -0.28
CA ASP B 349 -11.21 16.75 0.16
C ASP B 349 -10.24 17.05 1.30
N LEU B 350 -10.39 16.33 2.42
CA LEU B 350 -9.53 16.36 3.61
C LEU B 350 -9.00 17.76 3.92
N PRO B 351 -9.87 18.79 3.89
CA PRO B 351 -9.41 20.19 4.06
C PRO B 351 -8.29 20.59 3.10
N GLU B 352 -7.83 21.84 3.18
CA GLU B 352 -6.79 22.29 2.26
C GLU B 352 -6.23 23.61 2.76
N GLU B 353 -4.97 23.85 2.40
CA GLU B 353 -4.33 25.13 2.66
C GLU B 353 -4.45 26.04 1.46
N GLN B 354 -4.75 27.31 1.71
CA GLN B 354 -4.96 28.27 0.64
C GLN B 354 -4.13 29.53 0.85
N ASN B 355 -4.24 30.49 -0.07
CA ASN B 355 -3.52 31.75 -0.03
C ASN B 355 -4.53 32.86 0.23
N SER B 356 -4.76 33.16 1.51
CA SER B 356 -5.74 34.18 1.87
C SER B 356 -5.29 35.56 1.43
N GLY B 357 -3.99 35.86 1.56
CA GLY B 357 -3.50 37.17 1.16
C GLY B 357 -3.67 37.44 -0.32
N GLU B 358 -3.31 36.46 -1.15
CA GLU B 358 -3.44 36.55 -2.61
C GLU B 358 -2.73 37.80 -3.15
N LEU B 359 -1.56 38.09 -2.60
CA LEU B 359 -0.77 39.24 -3.02
C LEU B 359 0.52 38.74 -3.66
N LYS B 360 0.70 39.06 -4.95
CA LYS B 360 1.91 38.65 -5.64
C LYS B 360 3.16 39.29 -5.06
N PRO B 361 3.20 40.59 -4.76
CA PRO B 361 4.46 41.21 -4.32
C PRO B 361 4.81 40.78 -2.90
N GLN B 362 6.01 40.22 -2.75
CA GLN B 362 6.50 39.81 -1.44
C GLN B 362 7.97 40.13 -1.24
N LEU B 363 8.57 41.00 -2.05
CA LEU B 363 9.99 41.33 -1.95
C LEU B 363 10.21 42.41 -0.89
N GLN B 364 9.82 42.08 0.35
CA GLN B 364 9.97 43.01 1.45
C GLN B 364 11.29 42.82 2.18
N GLY B 365 11.55 41.59 2.64
CA GLY B 365 12.77 41.31 3.38
C GLY B 365 12.71 41.67 4.86
N ALA B 366 11.54 41.99 5.38
CA ALA B 366 11.37 42.35 6.79
C ALA B 366 10.32 41.44 7.41
N ILE B 367 10.65 40.86 8.56
CA ILE B 367 9.75 39.95 9.27
C ILE B 367 9.61 40.43 10.71
N ARG B 368 8.36 40.53 11.18
CA ARG B 368 8.07 40.97 12.54
C ARG B 368 6.95 40.10 13.10
N PHE B 369 7.26 39.33 14.14
CA PHE B 369 6.29 38.45 14.78
C PHE B 369 6.05 38.92 16.21
N ASP B 370 4.78 38.93 16.61
CA ASP B 370 4.39 39.37 17.94
C ASP B 370 3.50 38.33 18.59
N HIS B 371 3.83 37.94 19.82
CA HIS B 371 3.03 37.02 20.62
C HIS B 371 2.81 35.69 19.90
N VAL B 372 3.92 34.99 19.66
CA VAL B 372 3.88 33.70 18.98
C VAL B 372 3.51 32.62 19.99
N VAL B 373 2.23 32.34 20.15
CA VAL B 373 1.73 31.33 21.07
C VAL B 373 0.98 30.29 20.25
N LEU B 374 1.43 29.04 20.33
CA LEU B 374 0.82 27.94 19.60
C LEU B 374 0.49 26.82 20.58
N ASN B 375 -0.73 26.30 20.47
CA ASN B 375 -1.20 25.22 21.32
C ASN B 375 -0.95 23.89 20.64
N TYR B 376 -0.28 22.98 21.34
CA TYR B 376 0.05 21.67 20.78
C TYR B 376 -1.21 20.82 20.69
N ALA B 377 -1.79 20.75 19.49
CA ALA B 377 -3.01 19.99 19.22
C ALA B 377 -4.15 20.40 20.16
N ASP B 378 -4.24 21.70 20.46
CA ASP B 378 -5.27 22.27 21.32
C ASP B 378 -5.26 21.66 22.73
N GLY B 379 -4.15 21.06 23.14
CA GLY B 379 -4.05 20.50 24.46
C GLY B 379 -3.26 21.36 25.43
N THR B 380 -2.14 21.90 24.96
CA THR B 380 -1.30 22.76 25.77
C THR B 380 -0.48 23.64 24.85
N GLN B 381 -0.09 24.81 25.36
CA GLN B 381 0.69 25.75 24.57
C GLN B 381 2.11 25.24 24.39
N ALA B 382 2.56 25.21 23.13
CA ALA B 382 3.93 24.78 22.86
C ALA B 382 4.94 25.84 23.27
N ILE B 383 4.67 27.10 22.92
CA ILE B 383 5.54 28.21 23.26
C ILE B 383 4.68 29.39 23.71
N LYS B 384 5.10 30.05 24.80
CA LYS B 384 4.37 31.20 25.30
C LYS B 384 4.54 32.39 24.37
N ASP B 385 3.87 33.48 24.71
CA ASP B 385 3.91 34.68 23.89
C ASP B 385 5.31 35.28 23.89
N PHE B 386 5.75 35.73 22.71
CA PHE B 386 7.06 36.35 22.56
C PHE B 386 7.03 37.28 21.36
N SER B 387 7.83 38.34 21.43
CA SER B 387 7.94 39.32 20.36
C SER B 387 9.21 39.06 19.56
N LEU B 388 9.06 38.90 18.25
CA LEU B 388 10.17 38.62 17.34
C LEU B 388 10.11 39.63 16.20
N ASP B 389 10.82 40.75 16.38
CA ASP B 389 10.93 41.78 15.36
C ASP B 389 12.32 41.71 14.75
N ILE B 390 12.39 41.46 13.45
CA ILE B 390 13.65 41.30 12.74
C ILE B 390 13.77 42.43 11.71
N ARG B 391 14.81 43.23 11.83
CA ARG B 391 15.06 44.31 10.89
C ARG B 391 15.66 43.75 9.60
N PRO B 392 15.48 44.44 8.48
CA PRO B 392 16.03 43.95 7.21
C PRO B 392 17.55 43.90 7.26
N GLY B 393 18.10 42.88 6.61
CA GLY B 393 19.54 42.73 6.50
C GLY B 393 20.20 42.12 7.72
N GLU B 394 19.79 42.55 8.90
CA GLU B 394 20.42 42.10 10.14
C GLU B 394 20.12 40.62 10.38
N THR B 395 21.06 39.95 11.05
CA THR B 395 20.92 38.55 11.42
C THR B 395 20.87 38.43 12.94
N VAL B 396 19.85 37.73 13.44
CA VAL B 396 19.65 37.55 14.87
C VAL B 396 19.70 36.06 15.18
N ALA B 397 20.40 35.72 16.26
CA ALA B 397 20.54 34.34 16.70
C ALA B 397 19.52 34.03 17.78
N LEU B 398 18.81 32.91 17.61
CA LEU B 398 17.78 32.48 18.55
C LEU B 398 18.26 31.23 19.28
N VAL B 399 18.20 31.28 20.61
CA VAL B 399 18.61 30.16 21.46
C VAL B 399 17.43 29.78 22.34
N GLY B 400 17.06 28.50 22.34
CA GLY B 400 15.96 28.02 23.13
C GLY B 400 16.37 26.83 23.98
N ARG B 401 15.66 26.65 25.09
CA ARG B 401 15.94 25.56 26.01
C ARG B 401 15.26 24.29 25.53
N SER B 402 15.27 23.25 26.36
CA SER B 402 14.65 21.99 26.00
C SER B 402 13.13 22.15 25.94
N GLY B 403 12.51 21.45 24.99
CA GLY B 403 11.07 21.52 24.81
C GLY B 403 10.58 22.70 24.00
N ALA B 404 11.48 23.52 23.46
CA ALA B 404 11.07 24.67 22.67
C ALA B 404 10.53 24.22 21.32
N GLY B 405 9.73 25.09 20.70
CA GLY B 405 9.18 24.79 19.39
C GLY B 405 10.26 24.62 18.33
N LYS B 406 11.29 25.46 18.37
CA LYS B 406 12.42 25.37 17.46
C LYS B 406 11.97 25.39 16.01
N THR B 407 11.99 24.21 15.36
CA THR B 407 11.57 24.13 13.97
C THR B 407 10.11 24.53 13.80
N SER B 408 9.28 24.24 14.80
CA SER B 408 7.87 24.62 14.73
C SER B 408 7.72 26.14 14.69
N LEU B 409 8.49 26.85 15.53
CA LEU B 409 8.41 28.31 15.54
C LEU B 409 8.88 28.91 14.22
N VAL B 410 9.96 28.38 13.66
CA VAL B 410 10.48 28.91 12.40
C VAL B 410 9.53 28.60 11.26
N ASN B 411 8.88 27.42 11.29
CA ASN B 411 7.99 27.03 10.21
C ASN B 411 6.81 27.98 10.05
N MET B 412 6.41 28.67 11.12
CA MET B 412 5.35 29.66 10.99
C MET B 412 5.75 30.78 10.05
N LEU B 413 7.02 31.21 10.12
CA LEU B 413 7.52 32.22 9.20
C LEU B 413 7.58 31.73 7.76
N VAL B 414 7.53 30.41 7.55
CA VAL B 414 7.56 29.84 6.21
C VAL B 414 6.17 29.36 5.78
N ARG B 415 5.12 29.88 6.41
CA ARG B 415 3.73 29.51 6.10
C ARG B 415 3.51 28.01 6.28
N PHE B 416 4.15 27.43 7.29
CA PHE B 416 3.93 26.04 7.68
C PHE B 416 3.45 26.03 9.12
N GLN B 417 2.30 25.39 9.35
CA GLN B 417 1.65 25.40 10.65
C GLN B 417 1.41 26.83 11.12
N GLU B 418 0.56 27.53 10.38
CA GLU B 418 0.29 28.94 10.65
C GLU B 418 -0.25 29.12 12.06
N VAL B 419 0.27 30.12 12.76
CA VAL B 419 -0.11 30.39 14.14
C VAL B 419 -1.45 31.12 14.12
N SER B 420 -2.51 30.41 14.51
CA SER B 420 -3.82 31.06 14.63
C SER B 420 -3.82 32.10 15.76
N SER B 421 -3.11 31.82 16.84
CA SER B 421 -2.96 32.77 17.95
C SER B 421 -1.61 33.47 17.78
N GLY B 422 -1.64 34.62 17.11
CA GLY B 422 -0.42 35.37 16.87
C GLY B 422 -0.75 36.75 16.33
N GLN B 423 0.30 37.58 16.26
CA GLN B 423 0.13 38.96 15.81
C GLN B 423 1.21 39.35 14.82
N ILE B 424 1.47 38.50 13.83
CA ILE B 424 2.48 38.80 12.81
C ILE B 424 1.96 39.92 11.93
N TYR B 425 2.51 41.12 12.10
CA TYR B 425 2.08 42.29 11.34
C TYR B 425 3.30 43.18 11.10
N LEU B 426 3.82 43.16 9.87
CA LEU B 426 4.96 43.97 9.49
C LEU B 426 4.62 44.71 8.21
N ASP B 427 4.75 46.04 8.25
CA ASP B 427 4.40 46.91 7.12
C ASP B 427 2.96 46.66 6.64
N ASP B 428 2.06 46.57 7.61
CA ASP B 428 0.63 46.34 7.37
C ASP B 428 0.38 45.04 6.60
N LEU B 429 1.17 44.01 6.88
CA LEU B 429 0.97 42.72 6.24
C LEU B 429 0.37 41.74 7.24
N PRO B 430 -0.73 41.06 6.90
CA PRO B 430 -1.35 40.13 7.84
C PRO B 430 -0.60 38.81 7.93
N ILE B 431 -1.17 37.85 8.67
CA ILE B 431 -0.54 36.53 8.77
C ILE B 431 -0.38 35.90 7.40
N ARG B 432 -1.43 35.98 6.57
CA ARG B 432 -1.32 35.65 5.15
C ARG B 432 -0.77 36.89 4.45
N ASP B 433 0.54 37.09 4.60
CA ASP B 433 1.16 38.34 4.16
C ASP B 433 1.03 38.51 2.64
N ILE B 434 1.45 37.50 1.88
CA ILE B 434 1.38 37.59 0.43
C ILE B 434 0.57 36.41 -0.11
N GLU B 435 1.09 35.20 0.10
CA GLU B 435 0.49 33.95 -0.36
C GLU B 435 1.38 32.82 0.11
N LEU B 436 0.89 31.59 -0.04
CA LEU B 436 1.72 30.43 0.27
C LEU B 436 2.89 30.33 -0.69
N SER B 437 2.62 30.41 -2.00
CA SER B 437 3.68 30.30 -3.00
C SER B 437 4.66 31.45 -2.88
N SER B 438 4.16 32.68 -2.71
CA SER B 438 5.04 33.84 -2.63
C SER B 438 5.94 33.76 -1.40
N LEU B 439 5.36 33.47 -0.24
CA LEU B 439 6.16 33.40 0.98
C LEU B 439 7.12 32.22 0.95
N ARG B 440 6.75 31.14 0.26
CA ARG B 440 7.67 30.01 0.13
C ARG B 440 8.83 30.36 -0.79
N THR B 441 8.56 31.05 -1.89
CA THR B 441 9.63 31.40 -2.82
C THR B 441 10.57 32.44 -2.22
N GLN B 442 10.03 33.44 -1.54
CA GLN B 442 10.85 34.54 -1.03
C GLN B 442 11.74 34.15 0.14
N ILE B 443 11.41 33.09 0.87
CA ILE B 443 12.18 32.66 2.03
C ILE B 443 12.58 31.20 1.82
N ALA B 444 13.87 30.92 1.90
CA ALA B 444 14.41 29.58 1.71
C ALA B 444 15.03 29.10 3.01
N MET B 445 14.59 27.93 3.47
CA MET B 445 15.07 27.37 4.72
C MET B 445 16.12 26.29 4.45
N VAL B 446 16.91 26.01 5.48
CA VAL B 446 17.93 24.96 5.43
C VAL B 446 17.58 23.96 6.52
N ASN B 447 16.82 22.94 6.17
CA ASN B 447 16.35 21.97 7.14
C ASN B 447 17.52 21.13 7.67
N GLN B 448 17.44 20.78 8.96
CA GLN B 448 18.45 19.92 9.55
C GLN B 448 18.32 18.48 9.10
N GLN B 449 17.12 18.07 8.67
CA GLN B 449 16.94 16.70 8.21
C GLN B 449 17.78 16.41 6.97
N VAL B 450 17.83 17.34 6.03
CA VAL B 450 18.60 17.23 4.79
C VAL B 450 18.13 16.02 3.99
N VAL B 451 17.21 16.24 3.06
CA VAL B 451 16.67 15.20 2.21
C VAL B 451 17.01 15.53 0.77
N LEU B 452 17.58 14.56 0.06
CA LEU B 452 17.95 14.71 -1.35
C LEU B 452 17.10 13.77 -2.18
N PHE B 453 16.42 14.32 -3.18
CA PHE B 453 15.58 13.50 -4.05
C PHE B 453 16.43 12.54 -4.87
N ASN B 454 15.93 11.32 -5.04
CA ASN B 454 16.64 10.27 -5.78
C ASN B 454 16.46 10.50 -7.27
N ARG B 455 17.04 11.59 -7.75
CA ARG B 455 16.98 11.98 -9.15
C ARG B 455 18.37 12.41 -9.59
N THR B 456 18.46 12.89 -10.84
CA THR B 456 19.73 13.36 -11.36
C THR B 456 20.17 14.64 -10.64
N VAL B 457 21.48 14.85 -10.58
CA VAL B 457 22.01 16.04 -9.93
C VAL B 457 21.52 17.30 -10.62
N ARG B 458 21.20 17.21 -11.91
CA ARG B 458 20.60 18.34 -12.60
C ARG B 458 19.26 18.73 -11.98
N GLU B 459 18.46 17.74 -11.59
CA GLU B 459 17.18 18.03 -10.97
C GLU B 459 17.35 18.63 -9.59
N ASN B 460 18.27 18.09 -8.79
CA ASN B 460 18.47 18.58 -7.43
C ASN B 460 19.20 19.91 -7.38
N ILE B 461 19.91 20.28 -8.44
CA ILE B 461 20.64 21.54 -8.44
C ILE B 461 19.69 22.73 -8.52
N ALA B 462 18.62 22.60 -9.30
CA ALA B 462 17.73 23.72 -9.61
C ALA B 462 16.27 23.35 -9.36
N TYR B 463 15.98 22.77 -8.18
CA TYR B 463 14.62 22.35 -7.88
C TYR B 463 13.66 23.54 -7.81
N GLY B 464 14.06 24.60 -7.12
CA GLY B 464 13.20 25.75 -6.93
C GLY B 464 13.33 26.82 -7.99
N GLN B 465 14.36 26.71 -8.83
CA GLN B 465 14.59 27.66 -9.92
C GLN B 465 14.82 26.84 -11.20
N LEU B 466 13.73 26.48 -11.88
CA LEU B 466 13.84 25.63 -13.07
C LEU B 466 14.28 26.44 -14.28
N HIS B 467 13.60 27.56 -14.55
CA HIS B 467 13.96 28.39 -15.70
C HIS B 467 15.34 29.00 -15.55
N ASN B 468 15.69 29.42 -14.33
CA ASN B 468 16.96 30.10 -14.07
C ASN B 468 18.12 29.13 -13.93
N ALA B 469 17.96 27.87 -14.34
CA ALA B 469 19.05 26.90 -14.26
C ALA B 469 20.20 27.33 -15.18
N SER B 470 21.31 27.72 -14.56
CA SER B 470 22.48 28.19 -15.30
C SER B 470 23.72 27.44 -14.84
N ASP B 471 24.57 27.08 -15.80
CA ASP B 471 25.82 26.40 -15.46
C ASP B 471 26.74 27.31 -14.65
N GLU B 472 26.80 28.59 -15.00
CA GLU B 472 27.63 29.53 -14.27
C GLU B 472 27.14 29.70 -12.83
N ASP B 473 25.82 29.79 -12.65
CA ASP B 473 25.27 29.92 -11.30
C ASP B 473 25.56 28.67 -10.48
N VAL B 474 25.43 27.49 -11.09
CA VAL B 474 25.72 26.25 -10.39
C VAL B 474 27.20 26.18 -10.00
N ILE B 475 28.08 26.64 -10.89
CA ILE B 475 29.51 26.65 -10.59
C ILE B 475 29.79 27.61 -9.44
N ALA B 476 29.13 28.77 -9.44
CA ALA B 476 29.30 29.72 -8.35
C ALA B 476 28.82 29.12 -7.03
N ALA B 477 27.70 28.40 -7.05
CA ALA B 477 27.22 27.74 -5.85
C ALA B 477 28.20 26.69 -5.36
N ALA B 478 28.75 25.90 -6.29
CA ALA B 478 29.71 24.87 -5.92
C ALA B 478 30.99 25.48 -5.35
N LYS B 479 31.36 26.66 -5.84
CA LYS B 479 32.51 27.35 -5.27
C LYS B 479 32.20 27.91 -3.88
N ALA B 480 30.97 28.40 -3.69
CA ALA B 480 30.60 29.01 -2.41
C ALA B 480 30.61 28.00 -1.28
N ALA B 481 30.06 26.81 -1.51
CA ALA B 481 30.02 25.75 -0.52
C ALA B 481 30.91 24.61 -0.97
N TYR B 482 31.80 24.16 -0.08
CA TYR B 482 32.81 23.18 -0.46
C TYR B 482 32.19 21.81 -0.67
N ALA B 483 31.37 21.69 -1.72
CA ALA B 483 30.75 20.43 -2.10
C ALA B 483 31.08 19.98 -3.51
N HIS B 484 31.77 20.80 -4.30
CA HIS B 484 32.07 20.43 -5.68
C HIS B 484 32.96 19.19 -5.77
N ASP B 485 33.93 19.07 -4.85
CA ASP B 485 34.81 17.91 -4.87
C ASP B 485 34.04 16.61 -4.64
N PHE B 486 33.12 16.61 -3.67
CA PHE B 486 32.36 15.41 -3.38
C PHE B 486 31.49 15.00 -4.55
N ILE B 487 30.85 15.97 -5.22
CA ILE B 487 30.00 15.64 -6.36
C ILE B 487 30.82 15.17 -7.54
N MET B 488 31.95 15.83 -7.80
CA MET B 488 32.75 15.56 -8.99
C MET B 488 33.69 14.37 -8.83
N ASN B 489 33.86 13.84 -7.61
CA ASN B 489 34.76 12.71 -7.43
C ASN B 489 34.21 11.46 -8.09
N LEU B 490 33.03 10.99 -7.63
CA LEU B 490 32.48 9.74 -8.16
C LEU B 490 31.96 9.93 -9.58
N PRO B 491 30.98 10.79 -9.83
CA PRO B 491 30.49 10.96 -11.20
C PRO B 491 31.22 12.07 -11.94
N ASN B 492 30.85 12.29 -13.21
CA ASN B 492 31.49 13.34 -14.00
C ASN B 492 31.23 14.72 -13.40
N GLY B 493 29.99 14.96 -12.95
CA GLY B 493 29.66 16.23 -12.32
C GLY B 493 28.62 17.04 -13.06
N TYR B 494 28.74 17.11 -14.39
CA TYR B 494 27.74 17.83 -15.17
C TYR B 494 26.39 17.14 -15.09
N ASP B 495 26.37 15.83 -15.27
CA ASP B 495 25.17 15.00 -15.08
C ASP B 495 25.59 13.84 -14.19
N THR B 496 25.55 14.06 -12.87
CA THR B 496 26.01 13.02 -11.95
C THR B 496 25.00 11.89 -11.85
N VAL B 497 23.71 12.21 -11.93
CA VAL B 497 22.63 11.22 -11.89
C VAL B 497 22.72 10.41 -10.60
N LEU B 498 22.40 11.04 -9.47
CA LEU B 498 22.43 10.36 -8.19
C LEU B 498 21.45 9.19 -8.19
N GLY B 499 21.91 8.05 -7.70
CA GLY B 499 21.08 6.86 -7.69
C GLY B 499 21.56 5.86 -6.67
N ALA B 500 21.12 4.62 -6.85
CA ALA B 500 21.44 3.52 -5.93
C ALA B 500 21.02 3.85 -4.50
N GLN B 501 19.86 4.49 -4.36
CA GLN B 501 19.31 4.89 -3.07
C GLN B 501 20.29 5.78 -2.30
N GLY B 502 20.98 6.66 -3.02
CA GLY B 502 21.92 7.57 -2.39
C GLY B 502 23.20 6.94 -1.91
N LEU B 503 23.57 5.76 -2.43
CA LEU B 503 24.80 5.12 -2.01
C LEU B 503 26.04 5.79 -2.59
N ASN B 504 25.89 6.56 -3.67
CA ASN B 504 27.05 7.22 -4.27
C ASN B 504 27.65 8.26 -3.34
N LEU B 505 26.81 9.02 -2.65
CA LEU B 505 27.26 10.09 -1.77
C LEU B 505 26.92 9.76 -0.33
N SER B 506 27.87 10.03 0.57
CA SER B 506 27.68 9.78 1.98
C SER B 506 26.80 10.85 2.60
N GLY B 507 26.54 10.73 3.90
CA GLY B 507 25.71 11.70 4.59
C GLY B 507 26.30 13.10 4.59
N GLY B 508 27.61 13.19 4.79
CA GLY B 508 28.26 14.50 4.75
C GLY B 508 28.15 15.16 3.40
N GLN B 509 28.34 14.39 2.32
CA GLN B 509 28.19 14.94 0.98
C GLN B 509 26.75 15.39 0.73
N ARG B 510 25.77 14.63 1.23
CA ARG B 510 24.38 15.03 1.06
C ARG B 510 24.08 16.33 1.81
N GLN B 511 24.60 16.46 3.03
CA GLN B 511 24.41 17.71 3.78
C GLN B 511 25.08 18.87 3.07
N ARG B 512 26.27 18.64 2.51
CA ARG B 512 26.95 19.69 1.76
C ARG B 512 26.15 20.10 0.53
N ILE B 513 25.55 19.12 -0.16
CA ILE B 513 24.73 19.43 -1.32
C ILE B 513 23.50 20.23 -0.92
N ALA B 514 22.88 19.87 0.20
CA ALA B 514 21.73 20.63 0.68
C ALA B 514 22.12 22.06 1.02
N ILE B 515 23.26 22.24 1.68
CA ILE B 515 23.72 23.59 2.02
C ILE B 515 24.03 24.37 0.75
N ALA B 516 24.61 23.70 -0.25
CA ALA B 516 24.89 24.36 -1.52
C ALA B 516 23.61 24.81 -2.20
N ARG B 517 22.56 23.98 -2.18
CA ARG B 517 21.29 24.37 -2.75
C ARG B 517 20.70 25.56 -2.00
N ALA B 518 20.78 25.53 -0.67
CA ALA B 518 20.28 26.65 0.12
C ALA B 518 21.02 27.94 -0.21
N ILE B 519 22.34 27.86 -0.36
CA ILE B 519 23.12 29.05 -0.72
C ILE B 519 22.74 29.54 -2.11
N LEU B 520 22.59 28.62 -3.07
CA LEU B 520 22.22 29.00 -4.43
C LEU B 520 20.80 29.55 -4.51
N LYS B 521 19.97 29.28 -3.50
CA LYS B 521 18.62 29.86 -3.50
C LYS B 521 18.69 31.38 -3.48
N ASN B 522 19.57 31.94 -2.65
CA ASN B 522 19.79 33.39 -2.55
C ASN B 522 18.49 34.13 -2.26
N ALA B 523 17.69 33.57 -1.35
CA ALA B 523 16.42 34.18 -0.99
C ALA B 523 16.63 35.40 -0.11
N PRO B 524 15.65 36.31 -0.06
CA PRO B 524 15.79 37.49 0.81
C PRO B 524 15.93 37.14 2.28
N ILE B 525 15.29 36.08 2.75
CA ILE B 525 15.34 35.67 4.15
C ILE B 525 15.57 34.17 4.21
N LEU B 526 16.44 33.74 5.12
CA LEU B 526 16.78 32.33 5.28
C LEU B 526 16.72 31.95 6.74
N ILE B 527 16.43 30.68 7.00
CA ILE B 527 16.41 30.12 8.34
C ILE B 527 17.44 29.01 8.39
N LEU B 528 18.43 29.16 9.27
CA LEU B 528 19.51 28.20 9.40
C LEU B 528 19.27 27.30 10.60
N ASP B 529 19.26 25.99 10.38
CA ASP B 529 19.06 25.01 11.44
C ASP B 529 19.93 23.80 11.14
N GLU B 530 21.03 23.65 11.87
CA GLU B 530 21.94 22.53 11.70
C GLU B 530 22.32 21.89 13.03
N ALA B 531 21.47 22.04 14.06
CA ALA B 531 21.77 21.44 15.36
C ALA B 531 21.76 19.92 15.26
N THR B 532 20.83 19.34 14.52
CA THR B 532 20.75 17.89 14.40
C THR B 532 21.94 17.30 13.67
N SER B 533 22.60 18.07 12.81
CA SER B 533 23.76 17.58 12.09
C SER B 533 24.92 17.34 13.05
N ALA B 534 25.77 16.37 12.70
CA ALA B 534 26.91 16.03 13.54
C ALA B 534 27.90 17.19 13.58
N LEU B 535 28.38 17.49 14.80
CA LEU B 535 29.34 18.58 14.97
C LEU B 535 30.66 18.28 14.28
N ASP B 536 31.12 17.03 14.37
CA ASP B 536 32.40 16.62 13.81
C ASP B 536 32.18 16.00 12.44
N ASN B 537 32.95 16.45 11.44
CA ASN B 537 32.86 15.92 10.09
C ASN B 537 34.18 16.16 9.39
N GLU B 538 34.36 15.46 8.26
CA GLU B 538 35.58 15.61 7.49
C GLU B 538 35.73 17.03 6.96
N SER B 539 34.65 17.62 6.47
CA SER B 539 34.63 19.00 5.98
C SER B 539 33.81 19.90 6.88
N GLU B 540 33.91 19.68 8.20
CA GLU B 540 33.13 20.46 9.15
C GLU B 540 33.49 21.95 9.07
N HIS B 541 34.78 22.26 9.01
CA HIS B 541 35.19 23.65 8.89
C HIS B 541 34.70 24.27 7.59
N PHE B 542 34.80 23.53 6.48
CA PHE B 542 34.34 24.03 5.19
C PHE B 542 32.83 24.25 5.21
N ILE B 543 32.08 23.31 5.80
CA ILE B 543 30.64 23.45 5.88
C ILE B 543 30.25 24.65 6.74
N GLN B 544 30.93 24.84 7.86
CA GLN B 544 30.65 25.99 8.71
C GLN B 544 30.96 27.30 8.00
N GLN B 545 32.07 27.34 7.25
CA GLN B 545 32.40 28.54 6.49
C GLN B 545 31.36 28.83 5.42
N ALA B 546 30.89 27.78 4.74
CA ALA B 546 29.83 27.96 3.73
C ALA B 546 28.55 28.46 4.38
N PHE B 547 28.19 27.92 5.55
CA PHE B 547 27.00 28.39 6.24
C PHE B 547 27.13 29.84 6.64
N ASP B 548 28.31 30.24 7.12
CA ASP B 548 28.53 31.65 7.47
C ASP B 548 28.43 32.55 6.25
N GLU B 549 29.00 32.10 5.12
CA GLU B 549 28.91 32.89 3.90
C GLU B 549 27.46 33.03 3.43
N ALA B 550 26.68 31.95 3.53
CA ALA B 550 25.27 32.03 3.17
C ALA B 550 24.50 32.95 4.10
N MET B 551 24.80 32.91 5.40
CA MET B 551 24.11 33.78 6.35
C MET B 551 24.45 35.25 6.10
N GLN B 552 25.71 35.53 5.74
CA GLN B 552 26.11 36.90 5.46
C GLN B 552 25.50 37.46 4.19
N ASP B 553 24.86 36.62 3.36
CA ASP B 553 24.31 37.10 2.10
C ASP B 553 23.07 37.96 2.31
N ARG B 554 22.16 37.53 3.18
CA ARG B 554 20.92 38.25 3.40
C ARG B 554 20.48 38.05 4.84
N THR B 555 19.23 38.39 5.13
CA THR B 555 18.69 38.26 6.48
C THR B 555 18.55 36.78 6.84
N THR B 556 18.96 36.44 8.06
CA THR B 556 18.90 35.06 8.51
C THR B 556 18.72 35.02 10.02
N ILE B 557 17.88 34.09 10.47
CA ILE B 557 17.64 33.85 11.89
C ILE B 557 18.12 32.44 12.20
N VAL B 558 19.18 32.34 13.00
CA VAL B 558 19.81 31.05 13.27
C VAL B 558 19.00 30.29 14.30
N ILE B 559 19.13 28.97 14.27
CA ILE B 559 18.49 28.09 15.24
C ILE B 559 19.49 27.59 16.29
N ALA B 560 20.61 28.31 16.47
CA ALA B 560 21.65 27.94 17.42
C ALA B 560 22.21 26.55 17.12
N HIS B 561 22.72 26.40 15.89
CA HIS B 561 23.32 25.14 15.48
C HIS B 561 24.58 24.85 16.29
N ARG B 562 25.42 25.86 16.50
CA ARG B 562 26.65 25.72 17.25
C ARG B 562 26.81 26.89 18.22
N LEU B 563 27.43 26.61 19.36
CA LEU B 563 27.66 27.66 20.35
C LEU B 563 28.60 28.73 19.81
N SER B 564 29.66 28.32 19.09
CA SER B 564 30.58 29.29 18.52
C SER B 564 29.89 30.16 17.47
N THR B 565 29.02 29.56 16.66
CA THR B 565 28.30 30.33 15.66
C THR B 565 27.37 31.35 16.32
N ILE B 566 26.71 30.95 17.41
CA ILE B 566 25.84 31.88 18.12
C ILE B 566 26.65 33.00 18.75
N GLU B 567 27.81 32.68 19.31
CA GLU B 567 28.67 33.70 19.91
C GLU B 567 29.15 34.70 18.85
N ASN B 568 29.51 34.19 17.67
CA ASN B 568 29.97 35.07 16.60
C ASN B 568 28.86 35.96 16.07
N ALA B 569 27.60 35.58 16.26
CA ALA B 569 26.48 36.39 15.78
C ALA B 569 26.42 37.71 16.55
N ASP B 570 26.14 38.79 15.81
CA ASP B 570 26.08 40.11 16.43
C ASP B 570 24.85 40.25 17.33
N ARG B 571 23.71 39.74 16.90
CA ARG B 571 22.46 39.85 17.65
C ARG B 571 22.04 38.48 18.14
N ILE B 572 21.78 38.37 19.44
CA ILE B 572 21.37 37.11 20.07
C ILE B 572 20.13 37.38 20.91
N VAL B 573 19.10 36.56 20.70
CA VAL B 573 17.85 36.64 21.46
C VAL B 573 17.57 35.26 22.04
N VAL B 574 17.33 35.20 23.34
CA VAL B 574 17.12 33.95 24.06
C VAL B 574 15.72 33.94 24.64
N MET B 575 14.97 32.88 24.34
CA MET B 575 13.63 32.68 24.88
C MET B 575 13.58 31.32 25.55
N ASP B 576 13.19 31.30 26.83
CA ASP B 576 13.11 30.07 27.62
C ASP B 576 11.66 29.81 27.99
N ARG B 577 11.19 28.61 27.67
CA ARG B 577 9.81 28.18 27.95
C ARG B 577 8.80 29.16 27.37
N GLY B 578 9.11 29.69 26.19
CA GLY B 578 8.24 30.65 25.53
C GLY B 578 8.35 32.06 26.02
N GLN B 579 9.23 32.33 26.99
CA GLN B 579 9.43 33.67 27.54
C GLN B 579 10.86 34.10 27.24
N ILE B 580 11.01 35.32 26.71
CA ILE B 580 12.31 35.86 26.33
C ILE B 580 12.83 36.70 27.49
N VAL B 581 14.01 36.36 27.99
CA VAL B 581 14.64 37.08 29.09
C VAL B 581 15.91 37.80 28.67
N GLU B 582 16.45 37.49 27.48
CA GLU B 582 17.66 38.13 26.98
C GLU B 582 17.33 38.89 25.71
N GLN B 583 17.80 40.14 25.62
CA GLN B 583 17.53 40.97 24.47
C GLN B 583 18.63 42.03 24.36
N GLY B 584 18.70 42.66 23.20
CA GLY B 584 19.69 43.69 22.95
C GLY B 584 21.01 43.13 22.48
N THR B 585 22.06 43.89 22.73
CA THR B 585 23.40 43.51 22.31
C THR B 585 23.87 42.28 23.08
N HIS B 586 24.73 41.49 22.43
CA HIS B 586 25.27 40.29 23.05
C HIS B 586 26.18 40.60 24.23
N GLN B 587 26.68 41.82 24.34
CA GLN B 587 27.54 42.19 25.46
C GLN B 587 26.78 42.10 26.78
N GLU B 588 25.53 42.57 26.80
CA GLU B 588 24.72 42.47 28.01
C GLU B 588 24.46 41.02 28.39
N LEU B 589 24.18 40.16 27.41
CA LEU B 589 23.96 38.76 27.70
C LEU B 589 25.22 38.10 28.24
N LEU B 590 26.39 38.44 27.66
CA LEU B 590 27.64 37.89 28.15
C LEU B 590 27.93 38.36 29.58
N ALA B 591 27.65 39.63 29.87
CA ALA B 591 27.85 40.14 31.23
C ALA B 591 26.93 39.44 32.22
N LYS B 592 25.67 39.23 31.83
CA LYS B 592 24.73 38.51 32.69
C LYS B 592 25.08 37.04 32.83
N HIS B 593 25.79 36.48 31.85
CA HIS B 593 26.24 35.08 31.86
C HIS B 593 25.07 34.09 31.91
N GLY B 594 23.86 34.54 31.54
CA GLY B 594 22.73 33.64 31.51
C GLY B 594 22.87 32.57 30.44
N ALA B 595 23.29 32.96 29.24
CA ALA B 595 23.48 32.01 28.15
C ALA B 595 24.81 31.28 28.23
N TYR B 596 25.75 31.76 29.06
CA TYR B 596 27.04 31.10 29.18
C TYR B 596 26.88 29.69 29.74
N TYR B 597 26.03 29.53 30.76
CA TYR B 597 25.79 28.21 31.33
C TYR B 597 25.19 27.26 30.31
N GLN B 598 24.21 27.75 29.53
CA GLN B 598 23.61 26.91 28.50
C GLN B 598 24.62 26.52 27.42
N LEU B 599 25.48 27.46 27.02
CA LEU B 599 26.50 27.15 26.03
C LEU B 599 27.49 26.13 26.56
N HIS B 600 27.89 26.26 27.82
CA HIS B 600 28.82 25.30 28.41
C HIS B 600 28.17 23.92 28.51
N GLN B 601 26.90 23.87 28.91
CA GLN B 601 26.21 22.58 29.00
C GLN B 601 26.05 21.94 27.63
N ARG B 602 25.71 22.74 26.62
CA ARG B 602 25.54 22.23 25.26
C ARG B 602 26.83 22.35 24.46
#